data_6WU8
#
_entry.id   6WU8
#
_cell.length_a   54.671
_cell.length_b   83.203
_cell.length_c   217.701
_cell.angle_alpha   90.000
_cell.angle_beta   90.000
_cell.angle_gamma   90.000
#
_symmetry.space_group_name_H-M   'P 21 21 21'
#
loop_
_entity.id
_entity.type
_entity.pdbx_description
1 polymer 'Tyrosine-protein phosphatase non-receptor type 11'
2 non-polymer 1-[3-(2,3-dichlorophenyl)-1H-pyrazolo[3,4-b]pyrazin-6-yl]-4-methylpiperidin-4-amine
3 water water
#
_entity_poly.entity_id   1
_entity_poly.type   'polypeptide(L)'
_entity_poly.pdbx_seq_one_letter_code
;GAMADIMTSRRWFHPNITGVEAENLLLTRGVDGSFLARPSKSNPGDFTLSVRRNGAVTHIKIQNTGDYYDLYGGEKFATL
AELVQYYMEHHGQLKEKNGDVIELKYPLNCADPTSERWFHGHLSGKEAEKLLTEKGKHGSFLVRESQSHPGDFVLSVRTG
DDKGESNDGKSKVTHVMIRCQELKYDVGGGERFDSLTDLVEHYKKNPMVETLGTVLQLKQPLNTTRINAAEIESRVRELS
KLAETTDKVKQGFWEEFETLQQQECKLLYSRKEGQRQENKNKNRYKNILPFDHTRVVLHDGDPNEPVSDYINANIIMPEF
ETKCNNSKPKKSYIATQGCLQNTVNDFWRMVFQENSRVIVMTTKEVERGKSKCVKYWPDEYALKEYGVMRVRNVKESAAH
DYTLRELKLSKVGQGNTERTVWQYHFRTWPDHGVPSDPGGVLDFLEEVHHKQESIMDAGPVVVHCSAGIGRTGTFIVIDI
LIDIIREKGVDCDIDVPKTIQMVRSQRSGMVQTEAQYRFIYMAVQHYIETLQRRIE
;
_entity_poly.pdbx_strand_id   A,B
#
loop_
_chem_comp.id
_chem_comp.type
_chem_comp.name
_chem_comp.formula
U9Y non-polymer 1-[3-(2,3-dichlorophenyl)-1H-pyrazolo[3,4-b]pyrazin-6-yl]-4-methylpiperidin-4-amine 'C17 H18 Cl2 N6'
#
# COMPACT_ATOMS: atom_id res chain seq x y z
N SER A 9 -20.38 7.02 12.23
CA SER A 9 -20.66 5.61 12.06
C SER A 9 -19.51 4.89 11.33
N ARG A 10 -18.92 5.56 10.35
CA ARG A 10 -17.70 5.10 9.67
C ARG A 10 -17.95 3.83 8.86
N ARG A 11 -19.12 3.73 8.22
CA ARG A 11 -19.36 2.65 7.28
C ARG A 11 -18.74 2.91 5.92
N TRP A 12 -18.32 4.16 5.66
CA TRP A 12 -17.78 4.57 4.38
C TRP A 12 -16.36 4.09 4.13
N PHE A 13 -15.75 3.43 5.11
CA PHE A 13 -14.38 2.93 4.98
C PHE A 13 -14.43 1.46 4.57
N HIS A 14 -13.83 1.15 3.43
CA HIS A 14 -13.78 -0.21 2.93
C HIS A 14 -12.38 -0.77 3.15
N PRO A 15 -12.19 -1.73 4.06
CA PRO A 15 -10.82 -2.11 4.45
C PRO A 15 -10.07 -2.90 3.40
N ASN A 16 -10.73 -3.82 2.70
CA ASN A 16 -10.08 -4.71 1.75
C ASN A 16 -10.75 -4.55 0.38
N ILE A 17 -10.39 -3.49 -0.32
CA ILE A 17 -10.94 -3.18 -1.64
C ILE A 17 -9.84 -2.56 -2.49
N THR A 18 -9.85 -2.89 -3.78
CA THR A 18 -8.87 -2.35 -4.70
C THR A 18 -9.33 -0.99 -5.24
N GLY A 19 -8.40 -0.29 -5.90
CA GLY A 19 -8.74 1.02 -6.44
C GLY A 19 -9.77 0.96 -7.54
N VAL A 20 -9.76 -0.10 -8.34
CA VAL A 20 -10.72 -0.21 -9.43
C VAL A 20 -12.08 -0.68 -8.92
N GLU A 21 -12.09 -1.56 -7.91
CA GLU A 21 -13.35 -1.98 -7.31
C GLU A 21 -14.09 -0.79 -6.71
N ALA A 22 -13.37 0.12 -6.06
CA ALA A 22 -13.99 1.34 -5.54
C ALA A 22 -14.52 2.21 -6.66
N GLU A 23 -13.89 2.15 -7.84
CA GLU A 23 -14.38 2.90 -8.99
C GLU A 23 -15.71 2.34 -9.48
N ASN A 24 -15.77 1.03 -9.69
CA ASN A 24 -17.02 0.40 -10.13
C ASN A 24 -18.11 0.58 -9.09
N LEU A 25 -17.75 0.51 -7.81
CA LEU A 25 -18.75 0.62 -6.75
C LEU A 25 -19.38 2.00 -6.73
N LEU A 26 -18.57 3.06 -6.87
CA LEU A 26 -19.12 4.40 -6.90
C LEU A 26 -19.91 4.67 -8.17
N LEU A 27 -19.56 4.00 -9.26
CA LEU A 27 -20.19 4.28 -10.55
C LEU A 27 -21.43 3.43 -10.82
N THR A 28 -21.64 2.35 -10.06
CA THR A 28 -22.81 1.51 -10.22
C THR A 28 -23.82 1.65 -9.09
N ARG A 29 -23.36 1.71 -7.83
CA ARG A 29 -24.24 1.82 -6.67
C ARG A 29 -24.18 3.20 -6.03
N GLY A 30 -23.57 4.18 -6.70
CA GLY A 30 -23.45 5.51 -6.14
C GLY A 30 -23.82 6.57 -7.16
N VAL A 31 -24.05 7.77 -6.65
CA VAL A 31 -24.35 8.94 -7.45
C VAL A 31 -23.30 10.00 -7.15
N ASP A 32 -23.33 11.09 -7.91
CA ASP A 32 -22.38 12.17 -7.68
C ASP A 32 -22.62 12.76 -6.31
N GLY A 33 -21.57 12.82 -5.51
CA GLY A 33 -21.65 13.09 -4.09
C GLY A 33 -21.35 11.88 -3.22
N SER A 34 -21.38 10.68 -3.80
CA SER A 34 -21.00 9.49 -3.07
C SER A 34 -19.49 9.44 -2.89
N PHE A 35 -19.06 8.87 -1.76
CA PHE A 35 -17.64 8.78 -1.48
C PHE A 35 -17.38 7.57 -0.60
N LEU A 36 -16.12 7.14 -0.60
CA LEU A 36 -15.67 6.07 0.28
C LEU A 36 -14.20 6.30 0.59
N ALA A 37 -13.71 5.55 1.58
CA ALA A 37 -12.30 5.56 1.96
C ALA A 37 -11.78 4.14 1.94
N ARG A 38 -10.48 4.00 1.68
CA ARG A 38 -9.88 2.69 1.55
C ARG A 38 -8.38 2.81 1.74
N PRO A 39 -7.73 1.79 2.27
CA PRO A 39 -6.27 1.81 2.32
C PRO A 39 -5.66 1.09 1.15
N SER A 40 -4.47 1.51 0.73
CA SER A 40 -3.68 0.73 -0.21
C SER A 40 -3.06 -0.44 0.54
N LYS A 41 -3.43 -1.67 0.16
CA LYS A 41 -3.10 -2.83 0.97
C LYS A 41 -1.60 -3.10 1.05
N SER A 42 -0.86 -2.82 -0.01
CA SER A 42 0.57 -3.09 -0.02
C SER A 42 1.39 -1.94 0.55
N ASN A 43 0.90 -0.71 0.46
CA ASN A 43 1.56 0.46 1.02
C ASN A 43 0.83 0.88 2.29
N PRO A 44 1.29 0.46 3.47
CA PRO A 44 0.63 0.90 4.71
C PRO A 44 0.81 2.40 4.91
N GLY A 45 -0.17 3.00 5.59
CA GLY A 45 -0.24 4.44 5.72
C GLY A 45 -0.72 5.16 4.48
N ASP A 46 -1.06 4.43 3.42
CA ASP A 46 -1.57 4.99 2.18
C ASP A 46 -3.07 4.82 2.14
N PHE A 47 -3.79 5.94 2.02
CA PHE A 47 -5.24 5.93 2.00
C PHE A 47 -5.74 6.81 0.86
N THR A 48 -6.91 6.46 0.33
CA THR A 48 -7.52 7.19 -0.77
C THR A 48 -8.96 7.55 -0.42
N LEU A 49 -9.32 8.81 -0.67
CA LEU A 49 -10.70 9.28 -0.52
C LEU A 49 -11.32 9.31 -1.92
N SER A 50 -12.01 8.22 -2.27
CA SER A 50 -12.60 8.07 -3.60
C SER A 50 -13.97 8.75 -3.61
N VAL A 51 -14.09 9.83 -4.36
CA VAL A 51 -15.31 10.61 -4.44
C VAL A 51 -15.83 10.60 -5.86
N ARG A 52 -17.13 10.34 -6.02
CA ARG A 52 -17.77 10.44 -7.32
C ARG A 52 -18.35 11.83 -7.50
N ARG A 53 -18.15 12.40 -8.69
CA ARG A 53 -18.64 13.74 -9.00
C ARG A 53 -18.54 13.94 -10.50
N ASN A 54 -19.50 14.67 -11.05
CA ASN A 54 -19.54 14.95 -12.49
C ASN A 54 -19.39 13.67 -13.31
N GLY A 55 -20.18 12.66 -12.95
CA GLY A 55 -20.19 11.39 -13.65
C GLY A 55 -18.87 10.68 -13.69
N ALA A 56 -17.91 11.07 -12.86
CA ALA A 56 -16.58 10.49 -12.87
C ALA A 56 -16.14 10.25 -11.43
N VAL A 57 -14.90 9.83 -11.26
CA VAL A 57 -14.35 9.47 -9.95
C VAL A 57 -13.14 10.34 -9.68
N THR A 58 -13.06 10.87 -8.45
CA THR A 58 -11.93 11.67 -8.01
C THR A 58 -11.27 10.94 -6.85
N HIS A 59 -9.98 10.66 -6.97
CA HIS A 59 -9.21 9.97 -5.94
C HIS A 59 -8.30 10.98 -5.26
N ILE A 60 -8.57 11.23 -3.99
CA ILE A 60 -7.76 12.15 -3.18
C ILE A 60 -6.86 11.32 -2.28
N LYS A 61 -5.55 11.58 -2.37
CA LYS A 61 -4.56 10.78 -1.64
C LYS A 61 -4.38 11.27 -0.21
N ILE A 62 -4.30 10.34 0.71
CA ILE A 62 -4.01 10.63 2.11
C ILE A 62 -2.83 9.79 2.54
N GLN A 63 -1.90 10.40 3.28
CA GLN A 63 -0.70 9.73 3.73
C GLN A 63 -0.55 9.92 5.24
N ASN A 64 -0.16 8.84 5.93
CA ASN A 64 0.07 8.88 7.36
C ASN A 64 1.46 8.28 7.62
N THR A 65 2.46 9.14 7.78
CA THR A 65 3.82 8.70 8.09
C THR A 65 4.01 8.41 9.58
N GLY A 66 3.05 8.79 10.42
CA GLY A 66 3.14 8.47 11.83
C GLY A 66 2.68 9.59 12.74
N ASP A 67 2.41 10.77 12.19
CA ASP A 67 2.04 11.93 12.98
C ASP A 67 0.63 12.45 12.72
N TYR A 68 0.12 12.32 11.50
CA TYR A 68 -1.20 12.84 11.16
C TYR A 68 -1.59 12.26 9.80
N TYR A 69 -2.89 12.33 9.51
CA TYR A 69 -3.42 11.99 8.20
C TYR A 69 -3.26 13.21 7.31
N ASP A 70 -2.27 13.16 6.41
CA ASP A 70 -1.98 14.27 5.51
C ASP A 70 -2.77 14.06 4.22
N LEU A 71 -3.76 14.91 4.00
CA LEU A 71 -4.53 14.88 2.75
C LEU A 71 -3.82 15.76 1.73
N TYR A 72 -3.50 15.19 0.58
CA TYR A 72 -2.71 15.91 -0.43
C TYR A 72 -3.55 17.04 -1.02
N GLY A 73 -3.04 18.27 -0.91
CA GLY A 73 -3.76 19.44 -1.35
C GLY A 73 -4.69 20.04 -0.33
N GLY A 74 -4.92 19.35 0.80
CA GLY A 74 -5.82 19.84 1.82
C GLY A 74 -5.13 20.09 3.14
N GLU A 75 -5.72 19.59 4.22
CA GLU A 75 -5.24 19.81 5.58
C GLU A 75 -4.76 18.49 6.19
N LYS A 76 -4.36 18.57 7.45
CA LYS A 76 -3.94 17.41 8.22
C LYS A 76 -4.94 17.14 9.34
N PHE A 77 -5.21 15.85 9.59
CA PHE A 77 -6.26 15.46 10.50
C PHE A 77 -5.78 14.35 11.43
N ALA A 78 -6.48 14.19 12.55
CA ALA A 78 -6.11 13.18 13.54
C ALA A 78 -6.64 11.81 13.18
N THR A 79 -7.88 11.72 12.71
CA THR A 79 -8.48 10.46 12.28
C THR A 79 -9.16 10.64 10.93
N LEU A 80 -9.51 9.53 10.31
CA LEU A 80 -10.31 9.59 9.09
C LEU A 80 -11.74 10.01 9.38
N ALA A 81 -12.29 9.65 10.54
CA ALA A 81 -13.63 10.09 10.89
C ALA A 81 -13.70 11.60 11.02
N GLU A 82 -12.67 12.22 11.60
CA GLU A 82 -12.65 13.67 11.74
C GLU A 82 -12.34 14.35 10.41
N LEU A 83 -11.61 13.68 9.52
CA LEU A 83 -11.38 14.20 8.17
C LEU A 83 -12.69 14.24 7.38
N VAL A 84 -13.40 13.10 7.32
CA VAL A 84 -14.63 13.03 6.55
C VAL A 84 -15.68 13.97 7.13
N GLN A 85 -15.77 14.03 8.47
CA GLN A 85 -16.73 14.92 9.12
C GLN A 85 -16.40 16.38 8.84
N TYR A 86 -15.12 16.75 8.83
CA TYR A 86 -14.76 18.15 8.64
C TYR A 86 -15.23 18.66 7.28
N TYR A 87 -15.05 17.89 6.22
CA TYR A 87 -15.39 18.35 4.89
C TYR A 87 -16.89 18.28 4.61
N MET A 88 -17.60 17.35 5.24
CA MET A 88 -19.05 17.29 5.07
C MET A 88 -19.73 18.50 5.69
N GLU A 89 -19.14 19.09 6.72
CA GLU A 89 -19.70 20.26 7.38
C GLU A 89 -19.03 21.56 6.97
N HIS A 90 -17.76 21.52 6.56
CA HIS A 90 -17.06 22.69 6.07
C HIS A 90 -16.85 22.54 4.58
N HIS A 91 -17.96 22.65 3.85
CA HIS A 91 -17.96 22.45 2.41
C HIS A 91 -17.34 23.65 1.72
N GLY A 92 -16.39 23.38 0.83
CA GLY A 92 -15.70 24.45 0.12
C GLY A 92 -14.19 24.31 0.16
N GLN A 93 -13.66 23.59 1.14
CA GLN A 93 -12.22 23.44 1.30
C GLN A 93 -11.63 22.33 0.44
N LEU A 94 -12.38 21.24 0.25
CA LEU A 94 -11.92 20.13 -0.57
C LEU A 94 -12.10 20.52 -2.03
N LYS A 95 -11.01 20.90 -2.69
CA LYS A 95 -11.08 21.44 -4.04
C LYS A 95 -10.24 20.61 -5.01
N GLU A 96 -10.70 20.59 -6.26
CA GLU A 96 -10.16 19.74 -7.33
C GLU A 96 -8.86 20.28 -7.91
N LYS A 97 -7.92 20.68 -7.06
CA LYS A 97 -6.60 21.12 -7.50
C LYS A 97 -6.69 22.34 -8.42
N ASN A 98 -7.54 22.25 -9.44
CA ASN A 98 -7.75 23.30 -10.44
C ASN A 98 -8.96 24.16 -10.13
N GLY A 99 -9.19 24.46 -8.85
CA GLY A 99 -10.27 25.35 -8.43
C GLY A 99 -11.61 24.70 -8.15
N ASP A 100 -12.00 23.70 -8.95
CA ASP A 100 -13.28 23.04 -8.76
C ASP A 100 -13.38 22.43 -7.36
N VAL A 101 -14.61 22.20 -6.92
CA VAL A 101 -14.90 21.83 -5.54
C VAL A 101 -15.38 20.39 -5.48
N ILE A 102 -14.96 19.67 -4.43
CA ILE A 102 -15.37 18.29 -4.20
C ILE A 102 -16.42 18.27 -3.09
N GLU A 103 -17.52 17.57 -3.34
CA GLU A 103 -18.64 17.49 -2.43
C GLU A 103 -18.72 16.07 -1.87
N LEU A 104 -18.68 15.95 -0.54
CA LEU A 104 -18.91 14.69 0.15
C LEU A 104 -20.35 14.70 0.66
N LYS A 105 -21.21 13.90 0.04
CA LYS A 105 -22.64 13.92 0.34
C LYS A 105 -23.15 12.59 0.86
N TYR A 106 -22.90 11.49 0.15
CA TYR A 106 -23.51 10.20 0.49
C TYR A 106 -22.46 9.15 0.81
N PRO A 107 -22.28 8.79 2.07
CA PRO A 107 -21.31 7.72 2.40
C PRO A 107 -21.76 6.40 1.80
N LEU A 108 -20.91 5.83 0.95
CA LEU A 108 -21.16 4.52 0.36
C LEU A 108 -20.77 3.46 1.37
N ASN A 109 -21.76 2.79 1.96
CA ASN A 109 -21.50 1.88 3.06
C ASN A 109 -20.84 0.58 2.60
N CYS A 110 -19.88 0.11 3.39
CA CYS A 110 -19.20 -1.15 3.15
C CYS A 110 -20.00 -2.29 3.75
N ALA A 111 -19.86 -3.47 3.16
CA ALA A 111 -20.53 -4.68 3.64
C ALA A 111 -19.59 -5.64 4.34
N ASP A 112 -18.29 -5.40 4.30
CA ASP A 112 -17.31 -6.29 4.91
C ASP A 112 -17.46 -6.27 6.43
N PRO A 113 -17.71 -7.41 7.07
CA PRO A 113 -17.75 -7.46 8.54
C PRO A 113 -16.39 -7.73 9.19
N THR A 114 -15.29 -7.62 8.44
CA THR A 114 -13.98 -8.01 8.98
C THR A 114 -13.54 -7.09 10.12
N SER A 115 -13.72 -5.79 9.95
CA SER A 115 -13.28 -4.82 10.96
C SER A 115 -14.30 -4.64 12.09
N GLU A 116 -15.14 -5.64 12.35
CA GLU A 116 -16.12 -5.59 13.43
C GLU A 116 -15.60 -6.35 14.63
N ARG A 117 -15.91 -5.84 15.83
CA ARG A 117 -15.38 -6.45 17.04
C ARG A 117 -15.98 -7.82 17.30
N TRP A 118 -17.19 -8.08 16.82
CA TRP A 118 -17.91 -9.30 17.15
C TRP A 118 -17.79 -10.39 16.09
N PHE A 119 -17.18 -10.09 14.95
CA PHE A 119 -17.08 -11.06 13.86
C PHE A 119 -15.77 -11.83 13.97
N HIS A 120 -15.88 -13.16 14.14
CA HIS A 120 -14.71 -13.99 14.34
C HIS A 120 -14.46 -14.94 13.17
N GLY A 121 -15.11 -14.73 12.04
CA GLY A 121 -14.72 -15.41 10.80
C GLY A 121 -14.68 -16.91 10.92
N HIS A 122 -13.60 -17.51 10.41
CA HIS A 122 -13.43 -18.96 10.35
C HIS A 122 -13.14 -19.48 11.76
N LEU A 123 -14.20 -19.58 12.56
CA LEU A 123 -14.13 -20.10 13.91
C LEU A 123 -15.16 -21.19 14.07
N SER A 124 -14.77 -22.28 14.74
CA SER A 124 -15.64 -23.44 14.89
C SER A 124 -16.67 -23.21 15.99
N GLY A 125 -17.65 -24.11 16.05
CA GLY A 125 -18.71 -23.99 17.04
C GLY A 125 -18.33 -24.43 18.43
N LYS A 126 -17.34 -25.31 18.55
CA LYS A 126 -16.87 -25.71 19.88
C LYS A 126 -15.94 -24.68 20.50
N GLU A 127 -15.05 -24.10 19.69
CA GLU A 127 -14.22 -23.01 20.19
C GLU A 127 -15.08 -21.84 20.63
N ALA A 128 -16.10 -21.50 19.84
CA ALA A 128 -16.97 -20.37 20.17
C ALA A 128 -17.68 -20.59 21.50
N GLU A 129 -18.19 -21.81 21.73
CA GLU A 129 -18.86 -22.09 23.00
C GLU A 129 -17.88 -22.02 24.16
N LYS A 130 -16.64 -22.48 23.95
CA LYS A 130 -15.66 -22.47 25.03
C LYS A 130 -15.29 -21.04 25.43
N LEU A 131 -15.01 -20.18 24.45
CA LEU A 131 -14.66 -18.79 24.77
C LEU A 131 -15.81 -18.07 25.45
N LEU A 132 -17.04 -18.26 24.95
CA LEU A 132 -18.19 -17.64 25.59
C LEU A 132 -18.45 -18.24 26.97
N THR A 133 -18.22 -19.55 27.12
CA THR A 133 -18.34 -20.17 28.44
C THR A 133 -17.33 -19.57 29.41
N GLU A 134 -16.12 -19.29 28.93
CA GLU A 134 -15.02 -18.83 29.78
C GLU A 134 -15.03 -17.32 30.00
N LYS A 135 -15.00 -16.56 28.91
CA LYS A 135 -14.80 -15.12 28.99
C LYS A 135 -16.10 -14.33 28.87
N GLY A 136 -17.16 -14.94 28.35
CA GLY A 136 -18.37 -14.21 28.08
C GLY A 136 -19.15 -13.91 29.35
N LYS A 137 -19.78 -12.75 29.38
CA LYS A 137 -20.72 -12.36 30.40
C LYS A 137 -22.12 -12.31 29.78
N HIS A 138 -23.08 -11.74 30.52
CA HIS A 138 -24.43 -11.61 29.99
C HIS A 138 -24.43 -10.61 28.83
N GLY A 139 -24.92 -11.05 27.68
CA GLY A 139 -24.98 -10.21 26.50
C GLY A 139 -23.77 -10.31 25.59
N SER A 140 -22.73 -11.05 26.00
CA SER A 140 -21.57 -11.21 25.15
C SER A 140 -21.90 -12.12 23.97
N PHE A 141 -21.63 -11.64 22.76
CA PHE A 141 -22.02 -12.35 21.55
C PHE A 141 -20.87 -12.37 20.55
N LEU A 142 -20.99 -13.26 19.57
CA LEU A 142 -20.05 -13.34 18.47
C LEU A 142 -20.77 -13.89 17.25
N VAL A 143 -20.20 -13.62 16.08
CA VAL A 143 -20.71 -14.16 14.82
C VAL A 143 -19.57 -14.86 14.11
N ARG A 144 -19.76 -16.13 13.76
CA ARG A 144 -18.74 -16.94 13.13
C ARG A 144 -19.25 -17.47 11.79
N GLU A 145 -18.30 -17.90 10.96
CA GLU A 145 -18.65 -18.59 9.73
C GLU A 145 -19.22 -19.97 10.04
N SER A 146 -20.17 -20.41 9.21
CA SER A 146 -20.98 -21.57 9.55
C SER A 146 -20.18 -22.86 9.46
N GLN A 147 -20.24 -23.64 10.54
CA GLN A 147 -19.68 -24.99 10.56
C GLN A 147 -20.22 -25.83 9.41
N SER A 148 -21.56 -25.89 9.29
CA SER A 148 -22.22 -26.84 8.40
C SER A 148 -22.35 -26.30 6.98
N HIS A 149 -23.14 -25.25 6.82
CA HIS A 149 -23.49 -24.75 5.49
C HIS A 149 -22.50 -23.68 5.05
N PRO A 150 -21.74 -23.89 3.98
CA PRO A 150 -20.82 -22.85 3.50
C PRO A 150 -21.58 -21.60 3.09
N GLY A 151 -21.10 -20.46 3.55
CA GLY A 151 -21.71 -19.18 3.25
C GLY A 151 -22.57 -18.62 4.36
N ASP A 152 -23.12 -19.47 5.23
CA ASP A 152 -23.99 -19.02 6.30
C ASP A 152 -23.16 -18.57 7.51
N PHE A 153 -23.86 -18.10 8.54
CA PHE A 153 -23.22 -17.61 9.76
C PHE A 153 -24.05 -18.00 10.97
N VAL A 154 -23.42 -17.95 12.14
CA VAL A 154 -24.05 -18.33 13.39
C VAL A 154 -23.79 -17.21 14.40
N LEU A 155 -24.87 -16.71 15.00
CA LEU A 155 -24.77 -15.73 16.07
C LEU A 155 -24.84 -16.48 17.40
N SER A 156 -23.74 -16.50 18.13
CA SER A 156 -23.66 -17.13 19.43
C SER A 156 -23.76 -16.06 20.50
N VAL A 157 -24.71 -16.18 21.40
CA VAL A 157 -24.97 -15.18 22.42
C VAL A 157 -25.11 -15.88 23.77
N ARG A 158 -24.52 -15.29 24.80
CA ARG A 158 -24.59 -15.81 26.15
C ARG A 158 -25.58 -15.00 26.97
N THR A 159 -26.44 -15.69 27.71
CA THR A 159 -27.42 -15.06 28.58
C THR A 159 -27.36 -15.73 29.95
N GLY A 160 -27.82 -15.00 30.97
CA GLY A 160 -27.84 -15.52 32.31
C GLY A 160 -27.51 -14.50 33.37
N ASP A 161 -26.79 -14.89 34.41
CA ASP A 161 -26.35 -13.95 35.44
C ASP A 161 -25.01 -14.43 35.99
N ASP A 162 -24.08 -13.48 36.15
CA ASP A 162 -22.73 -13.81 36.58
C ASP A 162 -22.45 -13.28 37.99
N ASN A 167 -19.74 -21.56 35.36
CA ASN A 167 -20.83 -21.27 36.26
C ASN A 167 -21.57 -22.56 36.66
N ASP A 168 -22.46 -22.43 37.64
CA ASP A 168 -23.16 -23.58 38.21
C ASP A 168 -24.46 -23.89 37.48
N GLY A 169 -25.42 -22.96 37.54
CA GLY A 169 -26.77 -23.27 37.10
C GLY A 169 -27.23 -22.63 35.82
N LYS A 170 -27.81 -21.42 35.92
CA LYS A 170 -28.63 -20.85 34.85
C LYS A 170 -27.87 -19.74 34.13
N SER A 171 -26.98 -20.15 33.23
CA SER A 171 -26.46 -19.28 32.18
C SER A 171 -26.24 -20.16 30.96
N LYS A 172 -26.60 -19.64 29.79
CA LYS A 172 -26.65 -20.47 28.59
C LYS A 172 -25.99 -19.76 27.43
N VAL A 173 -25.83 -20.48 26.32
CA VAL A 173 -25.29 -19.95 25.08
C VAL A 173 -26.24 -20.37 23.97
N THR A 174 -27.00 -19.42 23.45
CA THR A 174 -27.94 -19.69 22.37
C THR A 174 -27.29 -19.47 21.02
N HIS A 175 -27.47 -20.42 20.10
CA HIS A 175 -26.93 -20.32 18.75
C HIS A 175 -28.07 -19.96 17.80
N VAL A 176 -27.90 -18.87 17.06
CA VAL A 176 -28.90 -18.40 16.12
C VAL A 176 -28.32 -18.49 14.71
N MET A 177 -29.03 -19.21 13.84
CA MET A 177 -28.59 -19.35 12.46
C MET A 177 -28.80 -18.05 11.70
N ILE A 178 -27.79 -17.64 10.94
CA ILE A 178 -27.88 -16.47 10.08
C ILE A 178 -27.70 -16.97 8.65
N ARG A 179 -28.78 -17.02 7.90
CA ARG A 179 -28.73 -17.45 6.51
C ARG A 179 -28.35 -16.29 5.61
N CYS A 180 -27.51 -16.59 4.61
CA CYS A 180 -27.12 -15.61 3.61
C CYS A 180 -27.55 -16.15 2.24
N GLN A 181 -28.60 -15.55 1.68
CA GLN A 181 -29.14 -16.00 0.40
C GLN A 181 -29.17 -14.82 -0.55
N GLU A 182 -28.41 -14.92 -1.65
CA GLU A 182 -28.34 -13.88 -2.68
C GLU A 182 -27.98 -12.53 -2.07
N LEU A 183 -26.94 -12.53 -1.23
CA LEU A 183 -26.29 -11.35 -0.65
C LEU A 183 -27.09 -10.67 0.44
N LYS A 184 -28.18 -11.29 0.90
CA LYS A 184 -28.95 -10.74 2.00
C LYS A 184 -28.90 -11.70 3.19
N TYR A 185 -28.97 -11.13 4.40
CA TYR A 185 -28.82 -11.89 5.64
C TYR A 185 -30.09 -11.81 6.46
N ASP A 186 -30.43 -12.91 7.12
CA ASP A 186 -31.63 -12.99 7.94
C ASP A 186 -31.46 -14.11 8.95
N VAL A 187 -32.29 -14.08 9.99
CA VAL A 187 -32.27 -15.08 11.04
C VAL A 187 -33.36 -16.11 10.79
N GLY A 188 -33.61 -16.41 9.52
CA GLY A 188 -34.59 -17.40 9.14
C GLY A 188 -36.01 -16.89 9.03
N GLY A 189 -36.24 -15.60 9.25
CA GLY A 189 -37.56 -15.03 9.15
C GLY A 189 -37.58 -13.54 9.42
N GLY A 190 -38.46 -12.82 8.74
CA GLY A 190 -38.61 -11.39 8.96
C GLY A 190 -37.93 -10.55 7.91
N GLU A 191 -37.01 -9.69 8.34
CA GLU A 191 -36.35 -8.74 7.46
C GLU A 191 -35.02 -9.29 6.97
N ARG A 192 -34.76 -9.13 5.68
CA ARG A 192 -33.48 -9.50 5.08
C ARG A 192 -32.60 -8.26 5.01
N PHE A 193 -31.36 -8.38 5.49
CA PHE A 193 -30.47 -7.24 5.63
C PHE A 193 -29.35 -7.30 4.58
N ASP A 194 -28.87 -6.12 4.19
CA ASP A 194 -27.86 -6.02 3.14
C ASP A 194 -26.47 -6.41 3.61
N SER A 195 -26.24 -6.48 4.91
CA SER A 195 -24.93 -6.83 5.43
C SER A 195 -25.10 -7.50 6.79
N LEU A 196 -24.05 -8.19 7.22
CA LEU A 196 -24.02 -8.76 8.56
C LEU A 196 -24.07 -7.67 9.62
N THR A 197 -23.44 -6.52 9.34
CA THR A 197 -23.45 -5.43 10.30
C THR A 197 -24.86 -4.90 10.51
N ASP A 198 -25.59 -4.64 9.42
CA ASP A 198 -26.96 -4.17 9.54
C ASP A 198 -27.82 -5.16 10.32
N LEU A 199 -27.61 -6.46 10.11
CA LEU A 199 -28.36 -7.46 10.85
C LEU A 199 -28.05 -7.38 12.34
N VAL A 200 -26.76 -7.29 12.69
CA VAL A 200 -26.38 -7.25 14.09
C VAL A 200 -26.90 -5.98 14.75
N GLU A 201 -26.75 -4.83 14.07
CA GLU A 201 -27.20 -3.58 14.65
C GLU A 201 -28.71 -3.59 14.87
N HIS A 202 -29.46 -4.21 13.95
CA HIS A 202 -30.91 -4.26 14.11
C HIS A 202 -31.30 -5.02 15.37
N TYR A 203 -30.79 -6.24 15.52
CA TYR A 203 -31.07 -7.04 16.71
C TYR A 203 -30.27 -6.60 17.92
N LYS A 204 -29.32 -5.68 17.74
CA LYS A 204 -28.68 -5.04 18.88
C LYS A 204 -29.63 -4.05 19.55
N LYS A 205 -30.52 -3.43 18.77
CA LYS A 205 -31.50 -2.48 19.30
C LYS A 205 -32.87 -3.09 19.51
N ASN A 206 -33.25 -4.07 18.69
CA ASN A 206 -34.51 -4.82 18.85
C ASN A 206 -34.14 -6.28 19.05
N PRO A 207 -33.77 -6.67 20.27
CA PRO A 207 -33.22 -8.02 20.49
C PRO A 207 -34.26 -9.10 20.26
N MET A 208 -33.79 -10.25 19.80
CA MET A 208 -34.65 -11.40 19.59
C MET A 208 -35.19 -11.90 20.93
N VAL A 209 -36.44 -12.34 20.93
CA VAL A 209 -37.09 -12.88 22.11
C VAL A 209 -37.41 -14.34 21.83
N GLU A 210 -36.95 -15.23 22.71
CA GLU A 210 -37.22 -16.65 22.56
C GLU A 210 -38.70 -16.92 22.80
N THR A 211 -39.12 -18.13 22.41
CA THR A 211 -40.54 -18.48 22.47
C THR A 211 -41.05 -18.60 23.90
N LEU A 212 -40.16 -18.77 24.88
CA LEU A 212 -40.56 -18.90 26.28
C LEU A 212 -40.11 -17.73 27.14
N GLY A 213 -39.59 -16.66 26.53
CA GLY A 213 -39.36 -15.44 27.29
C GLY A 213 -37.97 -14.85 27.24
N THR A 214 -36.93 -15.67 27.14
CA THR A 214 -35.56 -15.17 27.24
C THR A 214 -35.25 -14.25 26.06
N VAL A 215 -34.63 -13.11 26.37
CA VAL A 215 -34.31 -12.09 25.38
C VAL A 215 -32.85 -12.25 24.97
N LEU A 216 -32.62 -12.58 23.70
CA LEU A 216 -31.26 -12.71 23.16
C LEU A 216 -30.68 -11.31 22.97
N GLN A 217 -30.12 -10.78 24.05
CA GLN A 217 -29.65 -9.40 24.09
C GLN A 217 -28.20 -9.31 23.63
N LEU A 218 -27.95 -8.53 22.59
CA LEU A 218 -26.60 -8.29 22.08
C LEU A 218 -26.04 -7.06 22.79
N LYS A 219 -25.21 -7.30 23.82
CA LYS A 219 -24.72 -6.23 24.67
C LYS A 219 -23.34 -5.74 24.22
N GLN A 220 -22.32 -6.56 24.44
CA GLN A 220 -20.97 -6.23 24.02
C GLN A 220 -20.34 -7.42 23.32
N PRO A 221 -19.42 -7.18 22.40
CA PRO A 221 -18.73 -8.28 21.74
C PRO A 221 -17.86 -9.05 22.72
N LEU A 222 -17.61 -10.31 22.37
CA LEU A 222 -16.76 -11.16 23.20
C LEU A 222 -15.32 -10.67 23.10
N ASN A 223 -14.73 -10.32 24.25
CA ASN A 223 -13.37 -9.82 24.28
C ASN A 223 -12.38 -10.91 23.88
N THR A 224 -11.58 -10.64 22.85
CA THR A 224 -10.53 -11.56 22.43
C THR A 224 -9.18 -10.88 22.31
N THR A 225 -9.03 -9.67 22.88
CA THR A 225 -7.76 -8.97 22.83
C THR A 225 -7.03 -8.95 24.16
N ARG A 226 -7.73 -9.12 25.28
CA ARG A 226 -7.08 -9.19 26.57
C ARG A 226 -6.27 -10.47 26.66
N ILE A 227 -4.99 -10.33 26.98
CA ILE A 227 -4.10 -11.48 27.08
C ILE A 227 -3.39 -11.41 28.42
N ASN A 228 -2.82 -12.53 28.81
CA ASN A 228 -1.89 -12.51 29.93
C ASN A 228 -0.53 -12.02 29.44
N ALA A 229 -0.03 -10.98 30.10
CA ALA A 229 1.23 -10.37 29.70
C ALA A 229 2.38 -11.37 29.65
N ALA A 230 2.30 -12.47 30.40
CA ALA A 230 3.35 -13.49 30.32
C ALA A 230 3.35 -14.19 28.96
N GLU A 231 2.18 -14.34 28.34
CA GLU A 231 2.08 -14.95 27.02
C GLU A 231 2.03 -13.90 25.90
N ILE A 232 2.68 -12.76 26.09
CA ILE A 232 2.68 -11.75 25.02
C ILE A 232 3.33 -12.32 23.76
N GLU A 233 4.44 -13.05 23.94
CA GLU A 233 5.17 -13.60 22.79
C GLU A 233 4.29 -14.52 21.96
N SER A 234 3.35 -15.22 22.59
CA SER A 234 2.47 -16.12 21.83
C SER A 234 1.48 -15.34 20.98
N ARG A 235 1.00 -14.20 21.49
CA ARG A 235 0.04 -13.40 20.73
C ARG A 235 0.73 -12.64 19.60
N VAL A 236 1.96 -12.16 19.84
CA VAL A 236 2.72 -11.55 18.75
C VAL A 236 3.02 -12.59 17.67
N ARG A 237 3.07 -13.86 18.05
CA ARG A 237 3.33 -14.93 17.09
C ARG A 237 2.17 -15.10 16.13
N GLU A 238 0.94 -15.04 16.63
CA GLU A 238 -0.22 -15.24 15.78
C GLU A 238 -0.61 -13.98 15.02
N LEU A 239 -0.38 -12.81 15.59
CA LEU A 239 -0.68 -11.57 14.89
C LEU A 239 0.23 -11.35 13.68
N SER A 240 1.25 -12.19 13.51
CA SER A 240 2.21 -12.02 12.43
C SER A 240 2.22 -13.22 11.48
N LYS A 241 1.06 -13.58 10.94
CA LYS A 241 0.94 -14.73 10.06
C LYS A 241 1.62 -14.48 8.71
N GLN A 251 -3.17 -9.53 7.84
CA GLN A 251 -2.84 -10.56 8.81
C GLN A 251 -3.51 -10.31 10.15
N GLY A 252 -2.90 -10.82 11.23
CA GLY A 252 -3.47 -10.62 12.55
C GLY A 252 -3.31 -9.20 13.06
N PHE A 253 -2.11 -8.63 12.91
CA PHE A 253 -1.86 -7.27 13.36
C PHE A 253 -2.75 -6.28 12.63
N TRP A 254 -2.81 -6.38 11.30
CA TRP A 254 -3.55 -5.41 10.51
C TRP A 254 -5.05 -5.50 10.76
N GLU A 255 -5.59 -6.73 10.81
CA GLU A 255 -7.02 -6.87 11.02
C GLU A 255 -7.43 -6.52 12.45
N GLU A 256 -6.50 -6.61 13.41
CA GLU A 256 -6.81 -6.17 14.77
C GLU A 256 -6.72 -4.66 14.91
N PHE A 257 -5.87 -4.02 14.11
CA PHE A 257 -5.71 -2.57 14.21
C PHE A 257 -6.84 -1.83 13.50
N GLU A 258 -7.30 -2.33 12.37
CA GLU A 258 -8.39 -1.64 11.67
C GLU A 258 -9.73 -1.88 12.36
N THR A 259 -9.88 -3.00 13.06
CA THR A 259 -11.02 -3.15 13.96
C THR A 259 -10.99 -2.09 15.05
N LEU A 260 -9.79 -1.70 15.50
CA LEU A 260 -9.66 -0.58 16.43
C LEU A 260 -10.01 0.73 15.74
N GLN A 261 -9.57 0.92 14.49
CA GLN A 261 -9.84 2.16 13.79
C GLN A 261 -11.32 2.32 13.47
N GLN A 262 -12.03 1.21 13.28
CA GLN A 262 -13.45 1.30 12.96
C GLN A 262 -14.28 1.77 14.15
N GLN A 263 -13.73 1.74 15.36
CA GLN A 263 -14.43 2.23 16.54
C GLN A 263 -14.12 3.69 16.85
N GLU A 264 -13.35 4.37 16.00
CA GLU A 264 -13.05 5.78 16.21
C GLU A 264 -14.26 6.67 15.96
N CYS A 265 -15.28 6.17 15.27
CA CYS A 265 -16.47 6.97 14.99
C CYS A 265 -17.22 7.32 16.26
N LYS A 266 -17.02 6.59 17.34
CA LYS A 266 -17.64 6.88 18.63
C LYS A 266 -16.88 7.91 19.43
N LEU A 267 -15.82 8.49 18.87
CA LEU A 267 -14.93 9.40 19.59
C LEU A 267 -14.92 10.79 18.96
N LEU A 268 -16.07 11.22 18.44
CA LEU A 268 -16.19 12.56 17.84
C LEU A 268 -16.64 13.59 18.87
N TYR A 269 -15.94 13.64 20.00
CA TYR A 269 -16.27 14.60 21.05
C TYR A 269 -15.97 16.02 20.58
N SER A 270 -16.54 17.00 21.29
CA SER A 270 -16.52 18.38 20.85
C SER A 270 -15.13 18.99 21.00
N ARG A 271 -14.78 19.89 20.08
CA ARG A 271 -13.52 20.62 20.09
C ARG A 271 -13.80 22.10 19.84
N LYS A 272 -14.76 22.66 20.58
CA LYS A 272 -15.19 24.03 20.34
C LYS A 272 -14.12 25.05 20.69
N GLU A 273 -13.36 24.80 21.77
CA GLU A 273 -12.36 25.77 22.19
C GLU A 273 -11.21 25.86 21.20
N GLY A 274 -10.73 24.72 20.69
CA GLY A 274 -9.69 24.73 19.69
C GLY A 274 -10.11 25.34 18.37
N GLN A 275 -11.42 25.35 18.08
CA GLN A 275 -11.95 25.89 16.84
C GLN A 275 -12.24 27.38 16.92
N ARG A 276 -12.27 27.96 18.12
CA ARG A 276 -12.46 29.40 18.26
C ARG A 276 -11.29 30.12 17.62
N GLN A 277 -11.56 31.35 17.21
CA GLN A 277 -10.63 31.95 16.28
C GLN A 277 -9.51 32.70 17.02
N GLU A 278 -9.77 33.20 18.23
CA GLU A 278 -8.67 33.69 19.07
C GLU A 278 -7.73 32.57 19.52
N ASN A 279 -8.01 31.31 19.16
CA ASN A 279 -7.17 30.17 19.48
C ASN A 279 -6.62 29.47 18.24
N LYS A 280 -6.96 29.93 17.03
CA LYS A 280 -6.55 29.18 15.84
C LYS A 280 -5.06 29.27 15.57
N ASN A 281 -4.40 30.34 16.00
N ASN A 281 -4.41 30.36 16.00
CA ASN A 281 -2.96 30.43 15.82
CA ASN A 281 -2.97 30.50 15.85
C ASN A 281 -2.18 29.78 16.95
C ASN A 281 -2.20 29.72 16.92
N LYS A 282 -2.86 29.28 17.98
CA LYS A 282 -2.22 28.53 19.04
C LYS A 282 -2.15 27.04 18.74
N ASN A 283 -2.62 26.62 17.56
CA ASN A 283 -2.59 25.23 17.13
C ASN A 283 -1.58 25.09 15.99
N ARG A 284 -0.65 24.16 16.14
CA ARG A 284 0.32 23.91 15.08
C ARG A 284 -0.36 23.41 13.81
N TYR A 285 -1.31 22.50 13.95
CA TYR A 285 -2.09 22.00 12.82
C TYR A 285 -3.54 22.39 13.02
N LYS A 286 -4.15 22.97 11.99
CA LYS A 286 -5.42 23.66 12.15
C LYS A 286 -6.53 22.73 12.64
N ASN A 287 -6.58 21.51 12.11
CA ASN A 287 -7.70 20.61 12.39
C ASN A 287 -7.32 19.48 13.34
N ILE A 288 -6.25 19.65 14.11
CA ILE A 288 -5.87 18.70 15.15
C ILE A 288 -6.01 19.45 16.47
N LEU A 289 -7.14 19.23 17.15
CA LEU A 289 -7.54 20.05 18.28
C LEU A 289 -7.79 19.20 19.52
N PRO A 290 -7.64 19.79 20.71
CA PRO A 290 -7.90 19.04 21.94
C PRO A 290 -9.38 18.89 22.22
N PHE A 291 -9.76 17.73 22.76
CA PHE A 291 -11.13 17.53 23.21
C PHE A 291 -11.47 18.51 24.32
N ASP A 292 -12.70 19.01 24.31
CA ASP A 292 -13.10 20.00 25.30
C ASP A 292 -13.13 19.42 26.71
N HIS A 293 -13.48 18.13 26.86
CA HIS A 293 -13.65 17.55 28.18
C HIS A 293 -12.34 17.11 28.82
N THR A 294 -11.23 17.09 28.07
CA THR A 294 -9.92 16.73 28.62
C THR A 294 -8.86 17.79 28.39
N ARG A 295 -9.21 18.93 27.80
CA ARG A 295 -8.20 19.93 27.47
C ARG A 295 -7.66 20.58 28.73
N VAL A 296 -6.40 21.00 28.67
CA VAL A 296 -5.77 21.68 29.80
C VAL A 296 -6.16 23.15 29.76
N VAL A 297 -6.67 23.65 30.89
CA VAL A 297 -7.13 25.03 31.01
C VAL A 297 -6.11 25.81 31.83
N LEU A 298 -5.67 26.95 31.29
CA LEU A 298 -4.61 27.74 31.88
C LEU A 298 -5.19 28.87 32.72
N HIS A 299 -4.51 29.18 33.81
CA HIS A 299 -4.92 30.29 34.69
C HIS A 299 -3.78 31.29 34.87
N SER A 308 -4.87 34.27 28.38
CA SER A 308 -6.01 33.40 28.09
C SER A 308 -5.79 31.98 28.59
N ASP A 309 -6.74 31.07 28.30
CA ASP A 309 -6.78 29.78 28.97
C ASP A 309 -6.58 28.60 28.02
N TYR A 310 -6.22 28.85 26.77
CA TYR A 310 -6.18 27.79 25.77
C TYR A 310 -4.75 27.35 25.49
N ILE A 311 -4.54 26.04 25.52
CA ILE A 311 -3.33 25.43 24.99
C ILE A 311 -3.75 24.11 24.35
N ASN A 312 -3.11 23.77 23.23
CA ASN A 312 -3.39 22.52 22.54
C ASN A 312 -2.76 21.39 23.35
N ALA A 313 -3.48 20.96 24.39
CA ALA A 313 -2.99 19.94 25.31
C ALA A 313 -4.17 19.24 25.94
N ASN A 314 -3.99 17.96 26.24
CA ASN A 314 -5.04 17.12 26.82
C ASN A 314 -4.52 16.36 28.02
N ILE A 315 -5.29 16.38 29.11
CA ILE A 315 -4.99 15.53 30.26
C ILE A 315 -5.33 14.08 29.91
N ILE A 316 -4.36 13.19 30.11
CA ILE A 316 -4.53 11.77 29.82
C ILE A 316 -4.46 11.01 31.14
N MET A 317 -5.58 10.39 31.50
CA MET A 317 -5.71 9.62 32.73
C MET A 317 -5.94 8.15 32.41
N PRO A 318 -5.18 7.22 33.02
CA PRO A 318 -5.48 5.79 32.92
C PRO A 318 -6.67 5.39 33.78
N LYS A 330 -0.28 6.30 40.75
CA LYS A 330 -0.46 7.74 40.80
C LYS A 330 0.21 8.44 39.62
N LYS A 331 -0.16 8.12 38.38
CA LYS A 331 0.50 8.74 37.23
C LYS A 331 -0.50 9.12 36.16
N SER A 332 -0.49 10.40 35.79
CA SER A 332 -1.24 10.94 34.66
C SER A 332 -0.27 11.60 33.69
N TYR A 333 -0.80 11.99 32.52
CA TYR A 333 0.00 12.57 31.46
C TYR A 333 -0.66 13.84 30.92
N ILE A 334 0.13 14.62 30.20
CA ILE A 334 -0.37 15.76 29.43
C ILE A 334 0.17 15.57 28.02
N ALA A 335 -0.70 15.14 27.11
CA ALA A 335 -0.33 15.03 25.70
C ALA A 335 -0.59 16.37 25.03
N THR A 336 0.41 16.88 24.32
CA THR A 336 0.31 18.21 23.75
C THR A 336 1.15 18.29 22.48
N GLN A 337 0.97 19.39 21.75
CA GLN A 337 1.68 19.62 20.51
C GLN A 337 3.07 20.21 20.78
N GLY A 338 3.94 20.10 19.77
CA GLY A 338 5.19 20.84 19.83
C GLY A 338 4.92 22.34 19.79
N CYS A 339 5.65 23.07 20.64
CA CYS A 339 5.37 24.50 20.80
C CYS A 339 5.58 25.27 19.51
N LEU A 340 4.70 26.23 19.27
CA LEU A 340 4.95 27.27 18.29
C LEU A 340 5.63 28.45 18.97
N GLN A 341 6.15 29.38 18.17
CA GLN A 341 6.83 30.53 18.76
C GLN A 341 5.89 31.35 19.63
N ASN A 342 4.60 31.41 19.28
CA ASN A 342 3.63 32.20 20.01
C ASN A 342 2.97 31.45 21.15
N THR A 343 3.33 30.19 21.38
CA THR A 343 2.76 29.40 22.48
C THR A 343 3.83 28.86 23.42
N VAL A 344 5.05 29.41 23.37
CA VAL A 344 6.09 28.96 24.29
C VAL A 344 5.76 29.40 25.71
N ASN A 345 5.27 30.63 25.87
CA ASN A 345 4.91 31.11 27.20
C ASN A 345 3.73 30.32 27.76
N ASP A 346 2.72 30.05 26.93
CA ASP A 346 1.58 29.25 27.38
C ASP A 346 2.02 27.85 27.81
N PHE A 347 2.98 27.28 27.09
CA PHE A 347 3.49 25.95 27.46
C PHE A 347 4.06 25.95 28.86
N TRP A 348 4.89 26.95 29.19
CA TRP A 348 5.51 26.99 30.52
C TRP A 348 4.51 27.38 31.59
N ARG A 349 3.42 28.07 31.22
CA ARG A 349 2.35 28.27 32.18
C ARG A 349 1.71 26.94 32.56
N MET A 350 1.50 26.07 31.57
CA MET A 350 0.89 24.77 31.82
C MET A 350 1.79 23.89 32.68
N VAL A 351 3.09 23.84 32.35
CA VAL A 351 4.02 23.01 33.11
C VAL A 351 4.05 23.48 34.57
N PHE A 352 3.95 24.78 34.80
CA PHE A 352 3.96 25.28 36.17
C PHE A 352 2.64 24.98 36.87
N GLN A 353 1.52 25.27 36.21
CA GLN A 353 0.21 25.11 36.84
C GLN A 353 -0.08 23.67 37.21
N GLU A 354 0.42 22.72 36.42
CA GLU A 354 0.19 21.31 36.67
C GLU A 354 1.21 20.67 37.60
N ASN A 355 2.20 21.43 38.06
CA ASN A 355 3.27 20.92 38.92
C ASN A 355 4.03 19.78 38.25
N SER A 356 4.17 19.86 36.93
CA SER A 356 4.90 18.83 36.19
C SER A 356 6.40 18.97 36.45
N ARG A 357 7.06 17.83 36.64
CA ARG A 357 8.50 17.81 36.85
C ARG A 357 9.25 17.04 35.77
N VAL A 358 8.56 16.42 34.83
CA VAL A 358 9.19 15.64 33.77
C VAL A 358 8.54 16.02 32.45
N ILE A 359 9.37 16.27 31.44
CA ILE A 359 8.90 16.58 30.09
C ILE A 359 9.52 15.56 29.15
N VAL A 360 8.70 14.96 28.29
CA VAL A 360 9.15 13.97 27.33
C VAL A 360 8.99 14.56 25.94
N MET A 361 10.10 14.83 25.27
CA MET A 361 10.11 15.34 23.91
C MET A 361 10.55 14.21 22.98
N THR A 362 9.64 13.78 22.10
CA THR A 362 9.86 12.64 21.22
C THR A 362 10.11 13.07 19.78
N THR A 363 10.68 14.26 19.57
CA THR A 363 10.88 14.77 18.23
C THR A 363 12.11 15.66 18.21
N LYS A 364 12.69 15.80 17.02
CA LYS A 364 13.69 16.83 16.80
C LYS A 364 12.99 18.16 16.56
N GLU A 365 13.77 19.24 16.62
CA GLU A 365 13.22 20.57 16.32
C GLU A 365 12.82 20.65 14.85
N VAL A 366 13.59 20.02 13.97
CA VAL A 366 13.32 20.01 12.54
C VAL A 366 13.40 18.57 12.06
N GLU A 367 12.32 18.11 11.43
CA GLU A 367 12.29 16.79 10.81
C GLU A 367 11.58 16.91 9.46
N ARG A 368 12.03 16.10 8.50
CA ARG A 368 11.48 16.09 7.14
C ARG A 368 11.56 17.47 6.49
N GLY A 369 12.57 18.26 6.86
CA GLY A 369 12.72 19.59 6.30
C GLY A 369 11.68 20.60 6.75
N LYS A 370 10.99 20.34 7.85
CA LYS A 370 9.96 21.26 8.36
C LYS A 370 10.08 21.35 9.87
N SER A 371 9.76 22.52 10.41
CA SER A 371 9.86 22.74 11.84
C SER A 371 8.72 22.01 12.56
N LYS A 372 9.08 21.15 13.51
CA LYS A 372 8.09 20.37 14.25
C LYS A 372 7.86 20.86 15.68
N CYS A 373 8.81 21.62 16.24
CA CYS A 373 8.63 22.19 17.57
C CYS A 373 9.67 23.28 17.79
N VAL A 374 9.23 24.40 18.37
CA VAL A 374 10.13 25.49 18.71
C VAL A 374 11.03 25.08 19.88
N LYS A 375 12.27 25.56 19.85
CA LYS A 375 13.18 25.42 20.99
C LYS A 375 12.65 26.29 22.13
N TYR A 376 12.04 25.65 23.13
CA TYR A 376 11.42 26.34 24.25
C TYR A 376 12.26 26.31 25.51
N TRP A 377 13.47 25.77 25.43
CA TRP A 377 14.39 25.71 26.56
C TRP A 377 15.62 26.56 26.29
N PRO A 378 16.20 27.19 27.32
CA PRO A 378 17.39 28.01 27.12
C PRO A 378 18.64 27.16 26.91
N ASP A 379 19.68 27.80 26.39
CA ASP A 379 20.96 27.11 26.25
C ASP A 379 21.50 26.70 27.62
N GLU A 380 22.43 25.74 27.60
CA GLU A 380 22.99 25.22 28.85
C GLU A 380 23.63 26.33 29.67
N TYR A 381 23.45 26.26 30.99
CA TYR A 381 23.91 27.23 31.98
C TYR A 381 23.23 28.59 31.84
N ALA A 382 22.36 28.77 30.85
CA ALA A 382 21.72 30.06 30.62
C ALA A 382 20.40 30.16 31.37
N LEU A 383 19.95 31.41 31.55
CA LEU A 383 18.72 31.73 32.25
C LEU A 383 17.89 32.61 31.33
N LYS A 384 16.63 32.20 31.10
CA LYS A 384 15.75 32.92 30.20
C LYS A 384 14.36 33.02 30.82
N GLU A 385 13.62 34.04 30.38
CA GLU A 385 12.28 34.31 30.87
C GLU A 385 11.29 34.13 29.73
N TYR A 386 10.28 33.28 29.96
CA TYR A 386 9.20 33.03 29.00
C TYR A 386 7.91 33.57 29.61
N GLY A 387 7.65 34.85 29.38
CA GLY A 387 6.49 35.50 29.98
C GLY A 387 6.68 35.73 31.46
N VAL A 388 5.77 35.21 32.28
CA VAL A 388 5.84 35.37 33.72
C VAL A 388 6.63 34.21 34.32
N MET A 389 7.21 33.38 33.46
CA MET A 389 7.96 32.21 33.89
C MET A 389 9.45 32.41 33.64
N ARG A 390 10.25 31.65 34.39
CA ARG A 390 11.70 31.74 34.33
C ARG A 390 12.26 30.32 34.36
N VAL A 391 13.14 30.01 33.42
CA VAL A 391 13.70 28.66 33.31
C VAL A 391 15.22 28.77 33.17
N ARG A 392 15.94 28.06 34.05
CA ARG A 392 17.39 27.96 33.99
C ARG A 392 17.78 26.57 33.52
N ASN A 393 18.60 26.50 32.48
CA ASN A 393 19.16 25.23 32.01
C ASN A 393 20.37 24.89 32.88
N VAL A 394 20.13 24.11 33.93
CA VAL A 394 21.18 23.81 34.90
C VAL A 394 22.30 23.00 34.25
N LYS A 395 21.96 21.83 33.72
CA LYS A 395 22.97 20.93 33.18
C LYS A 395 22.32 20.01 32.14
N GLU A 396 23.05 19.76 31.07
CA GLU A 396 22.62 18.84 30.03
C GLU A 396 23.48 17.58 30.07
N SER A 397 22.84 16.42 29.96
CA SER A 397 23.52 15.13 30.00
C SER A 397 23.14 14.36 28.74
N ALA A 398 24.13 14.05 27.92
CA ALA A 398 23.89 13.39 26.65
C ALA A 398 24.04 11.88 26.79
N ALA A 399 23.03 11.15 26.36
CA ALA A 399 23.04 9.70 26.29
C ALA A 399 23.04 9.26 24.83
N HIS A 400 23.08 7.94 24.63
CA HIS A 400 23.13 7.42 23.27
C HIS A 400 21.84 7.72 22.50
N ASP A 401 20.70 7.58 23.17
CA ASP A 401 19.41 7.72 22.52
C ASP A 401 18.73 9.05 22.81
N TYR A 402 19.17 9.80 23.81
CA TYR A 402 18.44 10.98 24.25
C TYR A 402 19.38 11.97 24.92
N THR A 403 18.88 13.19 25.09
CA THR A 403 19.56 14.25 25.82
C THR A 403 18.72 14.60 27.04
N LEU A 404 19.35 14.63 28.21
CA LEU A 404 18.70 14.98 29.46
C LEU A 404 19.07 16.40 29.85
N ARG A 405 18.06 17.21 30.13
CA ARG A 405 18.26 18.62 30.48
C ARG A 405 17.60 18.89 31.84
N GLU A 406 18.43 19.10 32.86
CA GLU A 406 17.93 19.53 34.17
C GLU A 406 17.61 21.02 34.08
N LEU A 407 16.33 21.36 34.17
CA LEU A 407 15.85 22.73 34.10
C LEU A 407 15.24 23.15 35.43
N LYS A 408 15.45 24.40 35.78
CA LYS A 408 14.90 24.99 37.03
C LYS A 408 13.81 25.98 36.64
N LEU A 409 12.58 25.67 37.00
CA LEU A 409 11.43 26.45 36.60
C LEU A 409 10.95 27.31 37.78
N SER A 410 10.74 28.59 37.53
CA SER A 410 10.26 29.48 38.57
C SER A 410 9.37 30.55 37.96
N LYS A 411 8.51 31.11 38.79
CA LYS A 411 7.60 32.19 38.41
C LYS A 411 8.21 33.52 38.86
N VAL A 412 8.19 34.50 37.98
CA VAL A 412 8.76 35.82 38.28
C VAL A 412 7.86 36.44 39.35
N GLY A 413 8.47 37.11 40.32
CA GLY A 413 7.72 37.78 41.39
C GLY A 413 7.66 36.98 42.67
N GLN A 414 7.19 35.72 42.61
CA GLN A 414 7.09 34.82 43.79
C GLN A 414 8.52 34.41 44.14
N GLY A 415 8.96 34.68 45.36
CA GLY A 415 10.36 34.46 45.71
C GLY A 415 10.85 33.05 45.60
N ASN A 416 10.14 32.06 46.10
CA ASN A 416 10.74 30.72 46.02
C ASN A 416 9.76 29.73 45.39
N THR A 417 9.60 29.80 44.07
CA THR A 417 8.70 28.86 43.37
C THR A 417 9.52 27.89 42.53
N GLU A 418 10.84 27.94 42.63
CA GLU A 418 11.71 27.09 41.79
C GLU A 418 11.43 25.61 42.00
N ARG A 419 11.40 24.84 40.91
CA ARG A 419 11.22 23.38 40.92
C ARG A 419 12.07 22.82 39.77
N THR A 420 12.62 21.63 39.93
CA THR A 420 13.45 21.03 38.89
C THR A 420 12.54 20.27 37.92
N VAL A 421 12.47 20.74 36.69
CA VAL A 421 11.76 20.06 35.62
C VAL A 421 12.78 19.37 34.75
N TRP A 422 12.65 18.05 34.60
CA TRP A 422 13.60 17.25 33.83
C TRP A 422 13.06 17.01 32.43
N GLN A 423 13.78 17.48 31.43
CA GLN A 423 13.36 17.35 30.03
C GLN A 423 14.14 16.19 29.39
N TYR A 424 13.41 15.15 29.02
CA TYR A 424 13.99 13.99 28.34
C TYR A 424 13.69 14.13 26.84
N HIS A 425 14.73 14.43 26.06
CA HIS A 425 14.58 14.67 24.63
C HIS A 425 15.10 13.46 23.86
N PHE A 426 14.17 12.62 23.39
CA PHE A 426 14.52 11.53 22.51
C PHE A 426 14.89 12.07 21.14
N ARG A 427 16.04 11.63 20.61
CA ARG A 427 16.53 12.14 19.34
C ARG A 427 16.68 11.07 18.26
N THR A 428 16.78 9.80 18.63
CA THR A 428 17.04 8.74 17.67
C THR A 428 15.78 8.23 16.97
N TRP A 429 14.61 8.79 17.26
CA TRP A 429 13.40 8.37 16.56
C TRP A 429 13.48 8.81 15.11
N PRO A 430 13.22 7.93 14.15
CA PRO A 430 13.37 8.29 12.74
C PRO A 430 12.27 9.24 12.28
N ASP A 431 12.41 9.71 11.05
CA ASP A 431 11.43 10.62 10.48
C ASP A 431 10.15 9.88 10.11
N HIS A 432 10.29 8.75 9.43
CA HIS A 432 9.17 7.90 9.06
C HIS A 432 9.25 6.58 9.79
N GLY A 433 8.09 5.95 9.98
CA GLY A 433 8.07 4.64 10.61
C GLY A 433 8.38 4.69 12.09
N VAL A 434 8.71 3.52 12.62
CA VAL A 434 8.99 3.34 14.04
C VAL A 434 10.39 2.76 14.17
N PRO A 435 11.01 2.87 15.35
CA PRO A 435 12.30 2.21 15.56
C PRO A 435 12.20 0.71 15.34
N SER A 436 13.23 0.16 14.69
CA SER A 436 13.24 -1.28 14.39
C SER A 436 13.42 -2.14 15.63
N ASP A 437 14.01 -1.60 16.69
CA ASP A 437 14.18 -2.33 17.94
C ASP A 437 13.74 -1.44 19.09
N PRO A 438 12.91 -1.93 20.01
CA PRO A 438 12.37 -1.09 21.09
C PRO A 438 13.31 -0.88 22.26
N GLY A 439 14.56 -1.35 22.18
CA GLY A 439 15.45 -1.27 23.33
C GLY A 439 15.69 0.16 23.78
N GLY A 440 15.95 1.07 22.83
CA GLY A 440 16.26 2.44 23.20
C GLY A 440 15.08 3.15 23.85
N VAL A 441 13.87 2.92 23.33
CA VAL A 441 12.68 3.56 23.90
C VAL A 441 12.39 3.01 25.30
N LEU A 442 12.53 1.70 25.47
CA LEU A 442 12.24 1.10 26.77
C LEU A 442 13.21 1.60 27.85
N ASP A 443 14.49 1.74 27.52
CA ASP A 443 15.46 2.26 28.48
C ASP A 443 15.25 3.77 28.70
N PHE A 444 14.91 4.49 27.63
CA PHE A 444 14.52 5.89 27.78
C PHE A 444 13.26 6.01 28.62
N LEU A 445 12.32 5.07 28.46
CA LEU A 445 11.08 5.10 29.23
C LEU A 445 11.30 4.65 30.67
N GLU A 446 12.23 3.71 30.90
CA GLU A 446 12.55 3.30 32.26
C GLU A 446 13.19 4.43 33.06
N GLU A 447 13.99 5.26 32.40
CA GLU A 447 14.64 6.37 33.09
C GLU A 447 13.63 7.44 33.48
N VAL A 448 12.64 7.70 32.60
CA VAL A 448 11.62 8.70 32.90
C VAL A 448 10.76 8.26 34.08
N HIS A 449 10.38 6.98 34.12
CA HIS A 449 9.56 6.47 35.21
C HIS A 449 10.27 6.61 36.56
N HIS A 450 11.57 6.26 36.60
CA HIS A 450 12.33 6.41 37.84
C HIS A 450 12.42 7.87 38.25
N LYS A 451 12.57 8.77 37.28
CA LYS A 451 12.60 10.20 37.60
C LYS A 451 11.28 10.66 38.18
N GLN A 452 10.16 10.26 37.56
CA GLN A 452 8.85 10.73 38.02
C GLN A 452 8.54 10.23 39.42
N GLU A 453 8.96 9.01 39.76
CA GLU A 453 8.72 8.45 41.08
C GLU A 453 9.65 9.03 42.15
N SER A 454 10.79 9.61 41.76
CA SER A 454 11.70 10.18 42.75
C SER A 454 11.19 11.49 43.32
N ILE A 455 10.22 12.11 42.67
CA ILE A 455 9.75 13.45 43.03
C ILE A 455 8.39 13.31 43.66
N MET A 456 8.30 13.61 44.95
CA MET A 456 7.06 13.46 45.70
C MET A 456 5.99 14.41 45.14
N ASP A 457 4.80 13.86 44.88
CA ASP A 457 3.64 14.62 44.44
C ASP A 457 3.90 15.40 43.15
N ALA A 458 4.75 14.86 42.28
CA ALA A 458 4.96 15.48 40.97
C ALA A 458 3.69 15.37 40.13
N GLY A 459 3.46 16.38 39.31
CA GLY A 459 2.28 16.44 38.47
C GLY A 459 2.35 15.49 37.29
N PRO A 460 1.50 15.71 36.29
CA PRO A 460 1.48 14.82 35.12
C PRO A 460 2.77 14.92 34.31
N VAL A 461 3.05 13.86 33.56
CA VAL A 461 4.22 13.80 32.70
C VAL A 461 3.87 14.40 31.35
N VAL A 462 4.56 15.47 30.97
CA VAL A 462 4.30 16.17 29.71
C VAL A 462 4.96 15.39 28.57
N VAL A 463 4.16 14.97 27.60
CA VAL A 463 4.63 14.26 26.42
C VAL A 463 4.22 15.05 25.19
N HIS A 464 5.14 15.23 24.25
CA HIS A 464 4.81 15.99 23.06
C HIS A 464 5.73 15.58 21.91
N CYS A 465 5.19 15.66 20.69
CA CYS A 465 5.99 15.48 19.49
C CYS A 465 5.71 16.65 18.55
N SER A 466 5.12 16.37 17.38
CA SER A 466 4.76 17.45 16.46
C SER A 466 3.29 17.81 16.64
N ALA A 467 2.40 16.90 16.24
CA ALA A 467 0.97 17.08 16.48
C ALA A 467 0.55 16.61 17.87
N GLY A 468 1.35 15.77 18.52
CA GLY A 468 1.03 15.33 19.85
C GLY A 468 0.01 14.21 19.92
N ILE A 469 -0.07 13.36 18.90
CA ILE A 469 -1.04 12.27 18.86
C ILE A 469 -0.36 10.96 18.46
N GLY A 470 0.62 11.03 17.56
CA GLY A 470 1.25 9.84 17.04
C GLY A 470 2.31 9.25 17.95
N ARG A 471 3.54 9.78 17.83
CA ARG A 471 4.60 9.37 18.73
C ARG A 471 4.22 9.59 20.18
N THR A 472 3.60 10.74 20.48
CA THR A 472 3.12 11.00 21.83
C THR A 472 2.19 9.91 22.32
N GLY A 473 1.24 9.51 21.47
CA GLY A 473 0.32 8.46 21.86
C GLY A 473 1.00 7.10 21.98
N THR A 474 1.92 6.81 21.06
CA THR A 474 2.66 5.55 21.15
C THR A 474 3.47 5.48 22.44
N PHE A 475 4.04 6.60 22.86
CA PHE A 475 4.85 6.61 24.08
C PHE A 475 3.99 6.42 25.32
N ILE A 476 2.90 7.18 25.43
CA ILE A 476 2.05 7.10 26.61
C ILE A 476 1.43 5.71 26.75
N VAL A 477 1.02 5.11 25.63
CA VAL A 477 0.38 3.79 25.68
C VAL A 477 1.38 2.74 26.17
N ILE A 478 2.61 2.79 25.65
CA ILE A 478 3.64 1.85 26.11
C ILE A 478 3.91 2.03 27.60
N ASP A 479 4.00 3.28 28.06
CA ASP A 479 4.23 3.50 29.48
C ASP A 479 3.04 3.07 30.34
N ILE A 480 1.82 3.25 29.83
CA ILE A 480 0.64 2.81 30.58
C ILE A 480 0.62 1.30 30.72
N LEU A 481 0.99 0.58 29.66
CA LEU A 481 0.97 -0.87 29.71
C LEU A 481 2.11 -1.42 30.57
N ILE A 482 3.25 -0.74 30.59
CA ILE A 482 4.36 -1.18 31.42
C ILE A 482 4.09 -0.91 32.89
N ASP A 483 3.47 0.23 33.20
CA ASP A 483 3.16 0.54 34.59
C ASP A 483 2.25 -0.52 35.21
N ILE A 484 1.37 -1.12 34.41
CA ILE A 484 0.55 -2.24 34.90
C ILE A 484 1.44 -3.44 35.18
N ILE A 485 2.35 -3.75 34.26
CA ILE A 485 3.16 -4.96 34.39
C ILE A 485 4.12 -4.84 35.56
N ARG A 486 4.83 -3.72 35.66
CA ARG A 486 5.83 -3.56 36.71
C ARG A 486 5.24 -3.62 38.11
N GLU A 487 3.93 -3.40 38.24
CA GLU A 487 3.28 -3.42 39.55
C GLU A 487 2.73 -4.81 39.89
N LYS A 488 1.79 -5.30 39.09
CA LYS A 488 1.08 -6.55 39.38
C LYS A 488 1.68 -7.74 38.64
N GLY A 489 3.00 -7.77 38.45
CA GLY A 489 3.67 -8.96 37.96
C GLY A 489 3.50 -9.18 36.47
N VAL A 490 4.29 -10.12 35.96
CA VAL A 490 4.30 -10.41 34.53
C VAL A 490 3.09 -11.22 34.09
N ASP A 491 2.47 -11.96 35.01
CA ASP A 491 1.28 -12.74 34.69
C ASP A 491 0.00 -11.95 34.95
N CYS A 492 -0.02 -10.71 34.47
CA CYS A 492 -1.18 -9.83 34.63
C CYS A 492 -1.96 -9.73 33.32
N ASP A 493 -3.11 -9.07 33.40
CA ASP A 493 -3.99 -8.90 32.25
C ASP A 493 -3.72 -7.57 31.56
N ILE A 494 -3.44 -7.61 30.26
CA ILE A 494 -3.27 -6.42 29.44
C ILE A 494 -4.16 -6.52 28.22
N ASP A 495 -4.67 -5.37 27.78
CA ASP A 495 -5.56 -5.29 26.63
C ASP A 495 -5.10 -4.09 25.80
N VAL A 496 -4.28 -4.35 24.77
CA VAL A 496 -3.69 -3.26 24.00
C VAL A 496 -4.75 -2.40 23.31
N PRO A 497 -5.70 -2.96 22.54
CA PRO A 497 -6.70 -2.08 21.90
C PRO A 497 -7.59 -1.37 22.89
N LYS A 498 -8.07 -2.05 23.93
CA LYS A 498 -8.90 -1.39 24.93
C LYS A 498 -8.15 -0.25 25.62
N THR A 499 -6.84 -0.39 25.81
CA THR A 499 -6.04 0.69 26.38
C THR A 499 -5.94 1.88 25.42
N ILE A 500 -5.72 1.60 24.14
CA ILE A 500 -5.59 2.67 23.16
C ILE A 500 -6.91 3.42 23.01
N GLN A 501 -8.02 2.68 22.89
CA GLN A 501 -9.31 3.34 22.75
C GLN A 501 -9.64 4.20 23.97
N MET A 502 -9.26 3.74 25.15
CA MET A 502 -9.43 4.55 26.35
C MET A 502 -8.64 5.85 26.27
N VAL A 503 -7.41 5.79 25.75
CA VAL A 503 -6.59 6.99 25.61
C VAL A 503 -7.08 7.87 24.47
N ARG A 504 -7.63 7.26 23.41
CA ARG A 504 -8.16 8.02 22.28
C ARG A 504 -9.41 8.81 22.63
N SER A 505 -10.12 8.42 23.69
CA SER A 505 -11.28 9.21 24.12
C SER A 505 -10.86 10.47 24.86
N GLN A 506 -9.59 10.60 25.21
CA GLN A 506 -9.08 11.78 25.89
C GLN A 506 -8.26 12.69 24.98
N ARG A 507 -7.81 12.19 23.83
CA ARG A 507 -7.19 13.03 22.81
C ARG A 507 -7.33 12.32 21.46
N SER A 508 -7.62 13.10 20.42
CA SER A 508 -7.97 12.54 19.12
C SER A 508 -6.78 11.80 18.50
N GLY A 509 -7.04 10.59 18.02
CA GLY A 509 -6.07 9.88 17.20
C GLY A 509 -4.79 9.49 17.90
N MET A 510 -4.82 9.25 19.21
CA MET A 510 -3.66 8.75 19.91
C MET A 510 -3.24 7.40 19.32
N VAL A 511 -1.95 7.27 19.02
CA VAL A 511 -1.41 6.18 18.20
C VAL A 511 -1.97 6.32 16.80
N GLN A 512 -1.11 6.60 15.82
CA GLN A 512 -1.54 7.00 14.48
C GLN A 512 -1.58 5.85 13.49
N THR A 513 -0.52 5.04 13.42
CA THR A 513 -0.38 4.05 12.37
C THR A 513 -0.36 2.64 12.94
N GLU A 514 -0.49 1.67 12.02
CA GLU A 514 -0.33 0.27 12.40
C GLU A 514 1.12 -0.03 12.76
N ALA A 515 2.08 0.65 12.13
CA ALA A 515 3.48 0.46 12.49
C ALA A 515 3.73 0.84 13.95
N GLN A 516 3.05 1.89 14.43
CA GLN A 516 3.14 2.23 15.84
C GLN A 516 2.40 1.20 16.69
N TYR A 517 1.22 0.76 16.24
CA TYR A 517 0.48 -0.27 16.97
C TYR A 517 1.32 -1.54 17.11
N ARG A 518 1.94 -1.98 16.02
CA ARG A 518 2.82 -3.14 16.09
C ARG A 518 4.01 -2.88 17.01
N PHE A 519 4.54 -1.66 16.99
CA PHE A 519 5.67 -1.33 17.86
C PHE A 519 5.28 -1.36 19.33
N ILE A 520 4.03 -1.05 19.65
CA ILE A 520 3.59 -1.12 21.05
C ILE A 520 3.64 -2.57 21.54
N TYR A 521 3.19 -3.51 20.70
CA TYR A 521 3.27 -4.92 21.07
C TYR A 521 4.71 -5.37 21.22
N MET A 522 5.57 -4.97 20.28
CA MET A 522 6.98 -5.37 20.32
C MET A 522 7.68 -4.78 21.54
N ALA A 523 7.36 -3.55 21.91
CA ALA A 523 7.98 -2.94 23.07
C ALA A 523 7.58 -3.66 24.36
N VAL A 524 6.29 -4.00 24.49
CA VAL A 524 5.84 -4.67 25.71
C VAL A 524 6.43 -6.07 25.79
N GLN A 525 6.59 -6.74 24.66
CA GLN A 525 7.19 -8.07 24.67
C GLN A 525 8.66 -8.00 25.07
N HIS A 526 9.40 -7.04 24.52
CA HIS A 526 10.81 -6.87 24.88
C HIS A 526 10.96 -6.57 26.37
N TYR A 527 10.10 -5.71 26.91
CA TYR A 527 10.14 -5.43 28.34
C TYR A 527 9.83 -6.67 29.15
N ILE A 528 8.89 -7.50 28.67
CA ILE A 528 8.54 -8.74 29.36
C ILE A 528 9.75 -9.67 29.41
N GLU A 529 10.54 -9.69 28.33
CA GLU A 529 11.69 -10.60 28.27
C GLU A 529 12.80 -10.16 29.21
N THR A 530 13.05 -8.85 29.33
CA THR A 530 14.21 -8.39 30.09
C THR A 530 14.05 -8.63 31.59
N LEU A 531 12.82 -8.58 32.11
CA LEU A 531 12.63 -8.84 33.53
C LEU A 531 12.78 -10.32 33.84
N GLN A 532 12.10 -11.18 33.07
CA GLN A 532 12.16 -12.60 33.33
C GLN A 532 13.48 -13.23 32.90
N ARG A 533 14.22 -12.58 31.99
CA ARG A 533 15.61 -12.97 31.79
C ARG A 533 16.45 -12.58 33.00
N ARG A 534 16.01 -11.59 33.78
CA ARG A 534 16.73 -11.19 34.97
C ARG A 534 16.18 -11.92 36.19
N SER B 9 -8.77 -5.51 -25.67
CA SER B 9 -8.91 -6.72 -26.49
C SER B 9 -7.53 -7.28 -26.85
N ARG B 10 -6.73 -6.43 -27.48
CA ARG B 10 -5.44 -6.79 -28.09
C ARG B 10 -5.56 -7.95 -29.09
N ARG B 11 -6.75 -8.20 -29.61
CA ARG B 11 -6.91 -9.21 -30.66
C ARG B 11 -6.29 -8.77 -31.98
N TRP B 12 -5.88 -7.52 -32.10
CA TRP B 12 -5.28 -7.02 -33.33
C TRP B 12 -3.82 -7.45 -33.49
N PHE B 13 -3.24 -8.12 -32.50
CA PHE B 13 -1.86 -8.58 -32.57
C PHE B 13 -1.84 -10.03 -33.02
N HIS B 14 -1.22 -10.27 -34.18
CA HIS B 14 -1.12 -11.62 -34.73
C HIS B 14 0.28 -12.16 -34.47
N PRO B 15 0.45 -13.12 -33.56
CA PRO B 15 1.81 -13.54 -33.19
C PRO B 15 2.52 -14.34 -34.25
N ASN B 16 1.83 -15.27 -34.91
CA ASN B 16 2.45 -16.20 -35.86
C ASN B 16 1.93 -15.92 -37.26
N ILE B 17 2.23 -14.73 -37.77
CA ILE B 17 1.79 -14.32 -39.09
C ILE B 17 2.96 -13.68 -39.83
N THR B 18 3.00 -13.90 -41.14
CA THR B 18 4.04 -13.35 -41.99
C THR B 18 3.56 -12.05 -42.62
N GLY B 19 4.48 -11.39 -43.33
CA GLY B 19 4.12 -10.19 -44.05
C GLY B 19 3.19 -10.48 -45.21
N VAL B 20 3.31 -11.66 -45.82
CA VAL B 20 2.43 -12.03 -46.92
C VAL B 20 1.03 -12.32 -46.42
N GLU B 21 0.93 -13.08 -45.32
CA GLU B 21 -0.38 -13.35 -44.74
C GLU B 21 -1.05 -12.07 -44.25
N ALA B 22 -0.25 -11.13 -43.72
CA ALA B 22 -0.81 -9.90 -43.18
C ALA B 22 -1.44 -9.04 -44.27
N GLU B 23 -0.77 -8.92 -45.43
CA GLU B 23 -1.34 -8.13 -46.51
C GLU B 23 -2.52 -8.84 -47.15
N ASN B 24 -2.45 -10.17 -47.25
CA ASN B 24 -3.58 -10.93 -47.80
C ASN B 24 -4.79 -10.86 -46.88
N LEU B 25 -4.55 -10.83 -45.57
CA LEU B 25 -5.66 -10.78 -44.61
C LEU B 25 -6.35 -9.42 -44.65
N LEU B 26 -5.58 -8.34 -44.76
CA LEU B 26 -6.17 -7.00 -44.74
C LEU B 26 -6.92 -6.69 -46.02
N LEU B 27 -6.51 -7.29 -47.15
CA LEU B 27 -7.12 -7.00 -48.43
C LEU B 27 -8.35 -7.84 -48.72
N THR B 28 -8.52 -8.97 -48.05
CA THR B 28 -9.68 -9.83 -48.23
C THR B 28 -10.69 -9.74 -47.09
N ARG B 29 -10.23 -9.70 -45.84
CA ARG B 29 -11.09 -9.66 -44.68
C ARG B 29 -11.23 -8.27 -44.07
N GLY B 30 -10.46 -7.29 -44.53
CA GLY B 30 -10.49 -5.95 -43.99
C GLY B 30 -10.97 -4.92 -45.00
N VAL B 31 -11.08 -3.69 -44.53
CA VAL B 31 -11.51 -2.54 -45.32
C VAL B 31 -10.58 -1.38 -45.04
N ASP B 32 -10.84 -0.24 -45.69
CA ASP B 32 -10.07 0.96 -45.42
C ASP B 32 -10.18 1.34 -43.94
N GLY B 33 -9.05 1.36 -43.25
CA GLY B 33 -9.02 1.57 -41.82
C GLY B 33 -8.74 0.32 -41.02
N SER B 34 -8.81 -0.87 -41.63
CA SER B 34 -8.45 -2.09 -40.93
C SER B 34 -6.95 -2.11 -40.65
N PHE B 35 -6.58 -2.74 -39.54
CA PHE B 35 -5.17 -2.79 -39.17
C PHE B 35 -4.91 -3.99 -38.28
N LEU B 36 -3.63 -4.36 -38.18
CA LEU B 36 -3.18 -5.39 -37.27
C LEU B 36 -1.71 -5.13 -36.93
N ALA B 37 -1.22 -5.86 -35.94
CA ALA B 37 0.17 -5.77 -35.51
C ALA B 37 0.77 -7.16 -35.44
N ARG B 38 2.07 -7.24 -35.73
CA ARG B 38 2.75 -8.53 -35.83
C ARG B 38 4.23 -8.29 -35.57
N PRO B 39 4.96 -9.32 -35.12
CA PRO B 39 6.41 -9.17 -34.95
C PRO B 39 7.14 -9.29 -36.28
N SER B 40 7.97 -8.30 -36.57
CA SER B 40 8.88 -8.37 -37.72
C SER B 40 10.06 -9.25 -37.31
N LYS B 41 10.09 -10.49 -37.79
CA LYS B 41 11.14 -11.40 -37.36
C LYS B 41 12.42 -11.21 -38.16
N SER B 42 12.66 -9.98 -38.62
CA SER B 42 13.99 -9.62 -39.14
C SER B 42 14.94 -9.38 -37.98
N ASN B 43 14.61 -8.42 -37.12
CA ASN B 43 15.34 -8.12 -35.90
C ASN B 43 14.48 -8.46 -34.69
N PRO B 44 15.10 -8.81 -33.56
CA PRO B 44 14.31 -9.02 -32.34
C PRO B 44 13.80 -7.70 -31.80
N GLY B 45 12.60 -7.75 -31.22
CA GLY B 45 11.97 -6.51 -30.79
C GLY B 45 11.54 -5.61 -31.94
N ASP B 46 11.36 -6.17 -33.12
CA ASP B 46 10.90 -5.43 -34.30
C ASP B 46 9.46 -5.82 -34.60
N PHE B 47 8.60 -4.83 -34.77
CA PHE B 47 7.19 -5.05 -35.00
C PHE B 47 6.72 -4.25 -36.21
N THR B 48 5.58 -4.66 -36.76
CA THR B 48 5.00 -4.03 -37.93
C THR B 48 3.55 -3.70 -37.65
N LEU B 49 3.15 -2.48 -37.97
CA LEU B 49 1.75 -2.04 -37.88
C LEU B 49 1.21 -1.96 -39.30
N SER B 50 0.48 -2.99 -39.72
CA SER B 50 -0.07 -3.07 -41.07
C SER B 50 -1.45 -2.42 -41.08
N VAL B 51 -1.62 -1.39 -41.91
CA VAL B 51 -2.85 -0.62 -41.98
C VAL B 51 -3.31 -0.56 -43.44
N ARG B 52 -4.60 -0.81 -43.67
CA ARG B 52 -5.15 -0.71 -45.02
C ARG B 52 -5.50 0.73 -45.33
N ARG B 53 -5.05 1.21 -46.50
CA ARG B 53 -5.26 2.59 -46.90
C ARG B 53 -5.48 2.63 -48.41
N ASN B 54 -6.63 3.18 -48.82
CA ASN B 54 -6.95 3.38 -50.23
C ASN B 54 -6.82 2.08 -51.03
N GLY B 55 -7.33 0.99 -50.44
CA GLY B 55 -7.24 -0.33 -51.06
C GLY B 55 -5.88 -0.98 -51.01
N ALA B 56 -4.88 -0.30 -50.45
CA ALA B 56 -3.54 -0.85 -50.30
C ALA B 56 -3.25 -1.02 -48.81
N VAL B 57 -2.03 -1.46 -48.51
CA VAL B 57 -1.58 -1.68 -47.14
C VAL B 57 -0.30 -0.89 -46.92
N THR B 58 -0.25 -0.13 -45.83
CA THR B 58 0.95 0.57 -45.40
C THR B 58 1.49 -0.11 -44.15
N HIS B 59 2.81 -0.36 -44.14
CA HIS B 59 3.48 -1.03 -43.03
C HIS B 59 4.37 -0.01 -42.32
N ILE B 60 4.00 0.35 -41.10
CA ILE B 60 4.78 1.25 -40.25
C ILE B 60 5.61 0.40 -39.30
N LYS B 61 6.92 0.65 -39.26
CA LYS B 61 7.81 -0.16 -38.44
C LYS B 61 7.81 0.33 -37.00
N ILE B 62 7.73 -0.60 -36.06
CA ILE B 62 7.86 -0.33 -34.64
C ILE B 62 9.08 -1.08 -34.15
N GLN B 63 10.02 -0.36 -33.55
CA GLN B 63 11.28 -0.92 -33.10
C GLN B 63 11.42 -0.74 -31.59
N ASN B 64 11.85 -1.80 -30.92
CA ASN B 64 12.06 -1.79 -29.47
C ASN B 64 13.41 -2.44 -29.18
N THR B 65 14.41 -1.61 -28.87
CA THR B 65 15.74 -2.11 -28.53
C THR B 65 15.89 -2.41 -27.05
N GLY B 66 14.87 -2.12 -26.24
CA GLY B 66 14.93 -2.42 -24.83
C GLY B 66 14.42 -1.30 -23.95
N ASP B 67 14.24 -0.12 -24.52
CA ASP B 67 13.84 1.07 -23.78
C ASP B 67 12.39 1.48 -23.99
N TYR B 68 11.88 1.36 -25.21
CA TYR B 68 10.52 1.80 -25.53
C TYR B 68 10.16 1.27 -26.92
N TYR B 69 8.87 1.37 -27.24
CA TYR B 69 8.37 1.00 -28.57
C TYR B 69 8.47 2.23 -29.46
N ASP B 70 9.45 2.23 -30.35
CA ASP B 70 9.71 3.38 -31.21
C ASP B 70 9.00 3.18 -32.53
N LEU B 71 7.84 3.84 -32.70
CA LEU B 71 7.15 3.81 -33.98
C LEU B 71 7.74 4.89 -34.87
N TYR B 72 8.29 4.47 -36.01
CA TYR B 72 8.95 5.42 -36.90
C TYR B 72 7.91 6.16 -37.72
N GLY B 73 7.99 7.50 -37.70
CA GLY B 73 6.91 8.33 -38.16
C GLY B 73 5.94 8.74 -37.07
N GLY B 74 6.16 8.29 -35.85
CA GLY B 74 5.31 8.66 -34.73
C GLY B 74 6.10 8.92 -33.46
N GLU B 75 5.61 8.40 -32.34
CA GLU B 75 6.20 8.66 -31.04
C GLU B 75 6.71 7.36 -30.42
N LYS B 76 7.24 7.47 -29.20
CA LYS B 76 7.68 6.33 -28.42
C LYS B 76 6.64 6.00 -27.36
N PHE B 77 6.36 4.71 -27.20
CA PHE B 77 5.29 4.26 -26.32
C PHE B 77 5.79 3.15 -25.42
N ALA B 78 5.09 2.97 -24.29
CA ALA B 78 5.49 1.96 -23.31
C ALA B 78 5.02 0.57 -23.72
N THR B 79 3.81 0.45 -24.24
CA THR B 79 3.27 -0.83 -24.69
C THR B 79 2.64 -0.67 -26.07
N LEU B 80 2.46 -1.80 -26.76
CA LEU B 80 1.77 -1.77 -28.04
C LEU B 80 0.30 -1.40 -27.88
N ALA B 81 -0.32 -1.82 -26.77
CA ALA B 81 -1.71 -1.46 -26.50
C ALA B 81 -1.86 0.05 -26.31
N GLU B 82 -0.90 0.68 -25.61
CA GLU B 82 -0.96 2.13 -25.44
C GLU B 82 -0.68 2.86 -26.75
N LEU B 83 0.13 2.26 -27.63
CA LEU B 83 0.36 2.84 -28.94
C LEU B 83 -0.92 2.83 -29.77
N VAL B 84 -1.63 1.71 -29.79
CA VAL B 84 -2.85 1.60 -30.58
C VAL B 84 -3.96 2.47 -29.98
N GLN B 85 -4.08 2.47 -28.64
CA GLN B 85 -5.10 3.30 -28.01
C GLN B 85 -4.87 4.78 -28.30
N TYR B 86 -3.60 5.20 -28.31
CA TYR B 86 -3.29 6.61 -28.53
C TYR B 86 -3.67 7.05 -29.94
N TYR B 87 -3.42 6.21 -30.95
CA TYR B 87 -3.68 6.60 -32.32
C TYR B 87 -5.12 6.35 -32.75
N MET B 88 -5.75 5.29 -32.22
CA MET B 88 -7.19 5.12 -32.43
C MET B 88 -7.98 6.29 -31.89
N GLU B 89 -7.41 7.03 -30.95
CA GLU B 89 -8.03 8.19 -30.31
C GLU B 89 -7.61 9.51 -30.95
N HIS B 90 -6.34 9.64 -31.36
CA HIS B 90 -5.81 10.84 -31.99
C HIS B 90 -5.71 10.59 -33.50
N HIS B 91 -6.84 10.81 -34.19
CA HIS B 91 -6.96 10.62 -35.62
C HIS B 91 -5.93 11.41 -36.44
N GLY B 92 -5.53 12.59 -35.97
CA GLY B 92 -4.72 13.47 -36.78
C GLY B 92 -3.21 13.46 -36.55
N GLN B 93 -2.67 12.43 -35.89
CA GLN B 93 -1.24 12.42 -35.59
C GLN B 93 -0.45 11.35 -36.32
N LEU B 94 -0.96 10.13 -36.42
CA LEU B 94 -0.25 9.10 -37.20
C LEU B 94 -0.27 9.51 -38.66
N LYS B 95 0.86 10.01 -39.14
CA LYS B 95 0.95 10.56 -40.49
C LYS B 95 2.01 9.81 -41.30
N GLU B 96 1.90 9.95 -42.61
CA GLU B 96 2.87 9.42 -43.55
C GLU B 96 3.38 10.54 -44.45
N LYS B 97 4.69 10.56 -44.67
CA LYS B 97 5.45 11.51 -45.51
C LYS B 97 4.64 12.46 -46.38
N ASN B 98 3.57 11.97 -46.98
CA ASN B 98 2.78 12.77 -47.91
C ASN B 98 2.08 13.94 -47.22
N GLY B 99 1.87 13.85 -45.90
CA GLY B 99 0.85 14.61 -45.23
C GLY B 99 -0.44 13.84 -45.05
N ASP B 100 -0.61 12.74 -45.77
CA ASP B 100 -1.79 11.90 -45.61
C ASP B 100 -1.82 11.29 -44.21
N VAL B 101 -3.01 11.19 -43.66
CA VAL B 101 -3.21 10.69 -42.30
C VAL B 101 -3.59 9.22 -42.35
N ILE B 102 -2.94 8.42 -41.52
CA ILE B 102 -3.19 6.99 -41.42
C ILE B 102 -4.20 6.77 -40.31
N GLU B 103 -5.44 6.46 -40.67
CA GLU B 103 -6.50 6.23 -39.70
C GLU B 103 -6.46 4.78 -39.22
N LEU B 104 -6.47 4.59 -37.91
CA LEU B 104 -6.59 3.28 -37.28
C LEU B 104 -8.04 3.15 -36.83
N LYS B 105 -8.84 2.39 -37.58
CA LYS B 105 -10.27 2.31 -37.37
C LYS B 105 -10.71 0.96 -36.84
N TYR B 106 -10.44 -0.13 -37.57
CA TYR B 106 -10.98 -1.44 -37.23
C TYR B 106 -9.88 -2.44 -36.93
N PRO B 107 -9.75 -2.89 -35.68
CA PRO B 107 -8.77 -3.95 -35.38
C PRO B 107 -9.21 -5.27 -35.99
N LEU B 108 -8.37 -5.81 -36.88
CA LEU B 108 -8.63 -7.13 -37.46
C LEU B 108 -8.26 -8.20 -36.45
N ASN B 109 -9.27 -8.84 -35.86
CA ASN B 109 -9.04 -9.79 -34.78
C ASN B 109 -8.32 -11.03 -35.29
N CYS B 110 -7.45 -11.58 -34.44
CA CYS B 110 -6.71 -12.80 -34.72
C CYS B 110 -7.35 -13.94 -33.97
N ALA B 111 -7.56 -15.07 -34.65
CA ALA B 111 -8.22 -16.22 -34.05
C ALA B 111 -7.26 -17.21 -33.41
N ASP B 112 -5.96 -16.96 -33.48
CA ASP B 112 -4.96 -17.87 -32.93
C ASP B 112 -4.99 -17.80 -31.41
N PRO B 113 -5.11 -18.94 -30.71
CA PRO B 113 -5.19 -18.90 -29.24
C PRO B 113 -3.89 -19.28 -28.52
N THR B 114 -2.76 -19.29 -29.23
CA THR B 114 -1.54 -19.80 -28.63
C THR B 114 -1.01 -18.89 -27.52
N SER B 115 -1.39 -17.62 -27.51
CA SER B 115 -0.93 -16.68 -26.49
C SER B 115 -1.98 -16.43 -25.42
N GLU B 116 -2.95 -17.32 -25.27
CA GLU B 116 -3.90 -17.24 -24.18
C GLU B 116 -3.36 -18.01 -22.97
N ARG B 117 -3.67 -17.51 -21.78
CA ARG B 117 -3.16 -18.15 -20.58
C ARG B 117 -3.72 -19.54 -20.38
N TRP B 118 -4.92 -19.81 -20.91
CA TRP B 118 -5.65 -21.04 -20.62
C TRP B 118 -5.48 -22.11 -21.69
N PHE B 119 -4.81 -21.81 -22.81
CA PHE B 119 -4.69 -22.76 -23.90
C PHE B 119 -3.41 -23.56 -23.73
N HIS B 120 -3.54 -24.85 -23.42
CA HIS B 120 -2.39 -25.71 -23.18
C HIS B 120 -2.07 -26.63 -24.35
N GLY B 121 -2.86 -26.60 -25.42
CA GLY B 121 -2.52 -27.27 -26.66
C GLY B 121 -2.24 -28.76 -26.58
N HIS B 122 -0.96 -29.12 -26.54
CA HIS B 122 -0.53 -30.53 -26.56
C HIS B 122 -1.04 -31.34 -25.38
N LEU B 123 -1.67 -30.71 -24.39
CA LEU B 123 -2.05 -31.40 -23.16
C LEU B 123 -3.09 -32.50 -23.42
N SER B 124 -3.11 -33.46 -22.50
CA SER B 124 -4.04 -34.58 -22.49
C SER B 124 -4.96 -34.49 -21.28
N GLY B 125 -6.01 -35.30 -21.29
CA GLY B 125 -7.03 -35.23 -20.26
C GLY B 125 -6.55 -35.64 -18.88
N LYS B 126 -5.45 -36.38 -18.80
CA LYS B 126 -4.90 -36.92 -17.56
C LYS B 126 -4.11 -35.89 -16.78
N GLU B 127 -3.08 -35.32 -17.41
CA GLU B 127 -2.34 -34.24 -16.79
C GLU B 127 -3.26 -33.06 -16.47
N ALA B 128 -4.14 -32.71 -17.42
CA ALA B 128 -5.16 -31.69 -17.16
C ALA B 128 -5.88 -31.99 -15.86
N GLU B 129 -6.38 -33.21 -15.70
CA GLU B 129 -7.05 -33.56 -14.46
C GLU B 129 -6.07 -33.51 -13.29
N LYS B 130 -4.84 -33.98 -13.49
CA LYS B 130 -3.86 -33.97 -12.40
C LYS B 130 -3.43 -32.55 -12.06
N LEU B 131 -3.21 -31.70 -13.07
CA LEU B 131 -2.85 -30.30 -12.81
C LEU B 131 -3.97 -29.58 -12.07
N LEU B 132 -5.21 -29.75 -12.53
CA LEU B 132 -6.33 -29.07 -11.89
C LEU B 132 -6.61 -29.63 -10.49
N THR B 133 -6.30 -30.92 -10.25
CA THR B 133 -6.46 -31.45 -8.91
C THR B 133 -5.38 -30.91 -7.97
N GLU B 134 -4.14 -30.79 -8.46
CA GLU B 134 -3.05 -30.30 -7.64
C GLU B 134 -3.04 -28.77 -7.57
N LYS B 135 -2.75 -28.12 -8.70
CA LYS B 135 -2.61 -26.67 -8.75
C LYS B 135 -3.94 -25.93 -8.82
N GLY B 136 -5.05 -26.64 -9.02
CA GLY B 136 -6.31 -26.00 -9.32
C GLY B 136 -7.03 -25.42 -8.13
N LYS B 137 -8.22 -24.90 -8.40
CA LYS B 137 -9.06 -24.18 -7.46
C LYS B 137 -10.39 -23.96 -8.16
N HIS B 138 -11.45 -23.73 -7.37
CA HIS B 138 -12.76 -23.49 -7.94
C HIS B 138 -12.70 -22.38 -8.97
N GLY B 139 -13.05 -22.71 -10.21
CA GLY B 139 -13.00 -21.77 -11.31
C GLY B 139 -11.79 -21.93 -12.21
N SER B 140 -10.80 -22.71 -11.81
CA SER B 140 -9.63 -22.95 -12.67
C SER B 140 -10.04 -23.76 -13.89
N PHE B 141 -9.63 -23.31 -15.06
CA PHE B 141 -9.99 -23.96 -16.30
C PHE B 141 -8.80 -23.97 -17.25
N LEU B 142 -8.91 -24.81 -18.28
CA LEU B 142 -7.90 -24.86 -19.33
C LEU B 142 -8.56 -25.43 -20.58
N VAL B 143 -7.98 -25.11 -21.73
CA VAL B 143 -8.41 -25.64 -23.00
C VAL B 143 -7.23 -26.34 -23.66
N ARG B 144 -7.45 -27.56 -24.13
CA ARG B 144 -6.41 -28.37 -24.74
C ARG B 144 -6.93 -29.00 -26.01
N GLU B 145 -6.01 -29.51 -26.82
CA GLU B 145 -6.40 -30.30 -27.99
C GLU B 145 -6.90 -31.66 -27.53
N SER B 146 -8.05 -32.08 -28.09
CA SER B 146 -8.62 -33.36 -27.73
C SER B 146 -7.79 -34.50 -28.30
N GLN B 147 -7.73 -35.61 -27.56
CA GLN B 147 -6.92 -36.74 -27.95
C GLN B 147 -7.71 -37.88 -28.58
N SER B 148 -9.04 -37.82 -28.56
CA SER B 148 -9.83 -38.74 -29.34
C SER B 148 -10.00 -38.16 -30.74
N HIS B 149 -11.21 -37.68 -31.06
CA HIS B 149 -11.44 -37.03 -32.34
C HIS B 149 -10.48 -35.86 -32.53
N PRO B 150 -9.52 -35.97 -33.44
CA PRO B 150 -8.54 -34.90 -33.60
C PRO B 150 -9.16 -33.67 -34.25
N GLY B 151 -8.48 -32.53 -34.05
CA GLY B 151 -9.00 -31.25 -34.48
C GLY B 151 -9.95 -30.60 -33.51
N ASP B 152 -10.52 -31.37 -32.58
CA ASP B 152 -11.43 -30.85 -31.57
C ASP B 152 -10.65 -30.37 -30.35
N PHE B 153 -11.38 -29.89 -29.35
CA PHE B 153 -10.78 -29.37 -28.12
C PHE B 153 -11.65 -29.76 -26.94
N VAL B 154 -11.08 -29.65 -25.74
CA VAL B 154 -11.75 -29.98 -24.49
C VAL B 154 -11.56 -28.84 -23.52
N LEU B 155 -12.62 -28.47 -22.81
CA LEU B 155 -12.57 -27.47 -21.74
C LEU B 155 -12.71 -28.19 -20.41
N SER B 156 -11.62 -28.19 -19.64
CA SER B 156 -11.61 -28.85 -18.34
C SER B 156 -11.70 -27.78 -17.25
N VAL B 157 -12.78 -27.83 -16.47
CA VAL B 157 -13.04 -26.85 -15.42
C VAL B 157 -13.10 -27.58 -14.08
N ARG B 158 -12.54 -26.95 -13.05
CA ARG B 158 -12.64 -27.46 -11.68
C ARG B 158 -13.62 -26.59 -10.89
N THR B 159 -14.55 -27.24 -10.20
CA THR B 159 -15.55 -26.57 -9.38
C THR B 159 -15.62 -27.27 -8.03
N GLY B 160 -15.61 -26.49 -6.96
CA GLY B 160 -15.63 -27.05 -5.62
C GLY B 160 -15.67 -26.02 -4.51
N ASP B 161 -14.80 -26.18 -3.50
CA ASP B 161 -14.81 -25.31 -2.33
C ASP B 161 -13.41 -25.10 -1.78
N ASP B 162 -12.70 -26.20 -1.50
CA ASP B 162 -11.35 -26.10 -0.96
C ASP B 162 -10.31 -26.57 -1.97
N ASP B 168 -12.15 -35.70 -1.80
CA ASP B 168 -13.09 -35.71 -0.68
C ASP B 168 -14.52 -35.45 -1.13
N GLY B 169 -14.76 -35.57 -2.43
CA GLY B 169 -16.09 -35.42 -2.98
C GLY B 169 -16.53 -33.98 -3.19
N LYS B 170 -16.09 -33.09 -2.30
CA LYS B 170 -16.55 -31.70 -2.31
C LYS B 170 -15.88 -30.87 -3.38
N SER B 171 -15.26 -31.53 -4.37
CA SER B 171 -14.69 -30.85 -5.52
C SER B 171 -14.68 -31.83 -6.69
N LYS B 172 -14.79 -31.29 -7.90
CA LYS B 172 -14.82 -32.12 -9.09
C LYS B 172 -14.20 -31.36 -10.25
N VAL B 173 -13.89 -32.11 -11.32
CA VAL B 173 -13.39 -31.55 -12.56
C VAL B 173 -14.33 -32.01 -13.68
N THR B 174 -15.09 -31.08 -14.25
CA THR B 174 -15.97 -31.39 -15.36
C THR B 174 -15.27 -31.13 -16.68
N HIS B 175 -15.50 -32.02 -17.64
CA HIS B 175 -14.98 -31.87 -19.00
C HIS B 175 -16.11 -31.49 -19.93
N VAL B 176 -15.84 -30.54 -20.82
CA VAL B 176 -16.79 -30.09 -21.82
C VAL B 176 -16.11 -30.13 -23.17
N MET B 177 -16.62 -30.97 -24.07
CA MET B 177 -16.00 -31.12 -25.38
C MET B 177 -16.32 -29.91 -26.25
N ILE B 178 -15.35 -29.53 -27.08
CA ILE B 178 -15.49 -28.42 -28.01
C ILE B 178 -15.14 -28.95 -29.38
N ARG B 179 -16.11 -28.99 -30.29
CA ARG B 179 -15.89 -29.46 -31.64
C ARG B 179 -15.60 -28.30 -32.57
N CYS B 180 -14.75 -28.57 -33.57
CA CYS B 180 -14.37 -27.58 -34.57
C CYS B 180 -14.94 -28.01 -35.91
N GLN B 181 -15.87 -27.22 -36.44
CA GLN B 181 -16.52 -27.51 -37.72
C GLN B 181 -16.46 -26.25 -38.57
N GLU B 182 -15.86 -26.38 -39.76
CA GLU B 182 -15.71 -25.26 -40.69
C GLU B 182 -15.04 -24.06 -40.02
N LEU B 183 -14.02 -24.34 -39.23
CA LEU B 183 -13.25 -23.32 -38.50
C LEU B 183 -14.16 -22.47 -37.61
N LYS B 184 -15.15 -23.11 -37.00
CA LYS B 184 -15.99 -22.49 -35.98
C LYS B 184 -16.14 -23.46 -34.81
N TYR B 185 -16.26 -22.91 -33.61
CA TYR B 185 -16.22 -23.71 -32.39
C TYR B 185 -17.54 -23.61 -31.63
N ASP B 186 -17.91 -24.72 -30.99
CA ASP B 186 -19.15 -24.80 -30.24
C ASP B 186 -19.05 -25.93 -29.23
N VAL B 187 -19.89 -25.87 -28.21
CA VAL B 187 -19.88 -26.87 -27.15
C VAL B 187 -20.96 -27.91 -27.41
N GLY B 188 -21.23 -28.19 -28.70
CA GLY B 188 -22.24 -29.15 -29.07
C GLY B 188 -23.61 -28.57 -29.36
N GLY B 189 -23.86 -27.32 -28.99
CA GLY B 189 -25.14 -26.70 -29.26
C GLY B 189 -25.06 -25.21 -29.02
N GLY B 190 -26.08 -24.51 -29.53
CA GLY B 190 -26.20 -23.08 -29.31
C GLY B 190 -25.47 -22.29 -30.38
N GLU B 191 -24.59 -21.39 -29.95
CA GLU B 191 -23.90 -20.49 -30.85
C GLU B 191 -22.57 -21.08 -31.32
N ARG B 192 -22.21 -20.83 -32.57
CA ARG B 192 -20.93 -21.22 -33.13
C ARG B 192 -20.03 -19.99 -33.21
N PHE B 193 -18.87 -20.06 -32.58
CA PHE B 193 -17.98 -18.91 -32.44
C PHE B 193 -16.85 -18.95 -33.47
N ASP B 194 -16.37 -17.76 -33.83
CA ASP B 194 -15.30 -17.66 -34.82
C ASP B 194 -13.98 -18.20 -34.27
N SER B 195 -13.61 -17.76 -33.07
CA SER B 195 -12.36 -18.14 -32.44
C SER B 195 -12.64 -19.00 -31.23
N LEU B 196 -11.60 -19.73 -30.80
CA LEU B 196 -11.73 -20.40 -29.51
C LEU B 196 -11.66 -19.40 -28.37
N THR B 197 -11.10 -18.21 -28.62
CA THR B 197 -11.15 -17.14 -27.63
C THR B 197 -12.56 -16.58 -27.49
N ASP B 198 -13.25 -16.35 -28.61
CA ASP B 198 -14.62 -15.86 -28.55
C ASP B 198 -15.51 -16.82 -27.76
N LEU B 199 -15.30 -18.13 -27.92
CA LEU B 199 -16.07 -19.10 -27.17
C LEU B 199 -15.77 -19.01 -25.67
N VAL B 200 -14.48 -18.89 -25.33
CA VAL B 200 -14.10 -18.84 -23.92
C VAL B 200 -14.62 -17.56 -23.27
N GLU B 201 -14.49 -16.42 -23.94
CA GLU B 201 -14.95 -15.17 -23.37
C GLU B 201 -16.47 -15.13 -23.22
N HIS B 202 -17.19 -15.81 -24.13
CA HIS B 202 -18.65 -15.85 -24.03
C HIS B 202 -19.08 -16.62 -22.80
N TYR B 203 -18.54 -17.83 -22.61
CA TYR B 203 -18.87 -18.64 -21.45
C TYR B 203 -18.11 -18.20 -20.21
N LYS B 204 -17.22 -17.21 -20.32
CA LYS B 204 -16.58 -16.66 -19.13
C LYS B 204 -17.52 -15.74 -18.36
N LYS B 205 -18.49 -15.14 -19.05
CA LYS B 205 -19.48 -14.30 -18.41
C LYS B 205 -20.91 -14.81 -18.56
N ASN B 206 -21.16 -15.78 -19.45
CA ASN B 206 -22.42 -16.50 -19.54
C ASN B 206 -22.11 -17.98 -19.32
N PRO B 207 -21.91 -18.39 -18.07
CA PRO B 207 -21.40 -19.75 -17.81
C PRO B 207 -22.42 -20.83 -18.12
N MET B 208 -21.91 -21.97 -18.59
CA MET B 208 -22.75 -23.14 -18.78
C MET B 208 -23.24 -23.66 -17.45
N VAL B 209 -24.40 -24.32 -17.47
CA VAL B 209 -24.98 -24.95 -16.29
C VAL B 209 -25.43 -26.35 -16.66
N GLU B 210 -24.97 -27.33 -15.90
CA GLU B 210 -25.40 -28.70 -16.11
C GLU B 210 -26.90 -28.82 -15.79
N THR B 211 -27.50 -29.91 -16.28
CA THR B 211 -28.93 -30.11 -16.10
C THR B 211 -29.34 -30.27 -14.64
N LEU B 212 -28.39 -30.52 -13.73
CA LEU B 212 -28.71 -30.77 -12.33
C LEU B 212 -28.25 -29.65 -11.40
N GLY B 213 -27.77 -28.53 -11.92
CA GLY B 213 -27.62 -27.31 -11.15
C GLY B 213 -26.22 -26.75 -11.02
N THR B 214 -25.17 -27.47 -11.41
CA THR B 214 -23.80 -26.98 -11.19
C THR B 214 -23.41 -25.98 -12.28
N VAL B 215 -22.94 -24.81 -11.85
CA VAL B 215 -22.53 -23.74 -12.77
C VAL B 215 -21.05 -23.92 -13.07
N LEU B 216 -20.73 -24.06 -14.36
CA LEU B 216 -19.34 -24.25 -14.80
C LEU B 216 -18.71 -22.87 -14.97
N GLN B 217 -18.18 -22.33 -13.88
CA GLN B 217 -17.68 -20.96 -13.85
C GLN B 217 -16.22 -20.92 -14.27
N LEU B 218 -15.93 -20.16 -15.32
CA LEU B 218 -14.56 -19.93 -15.76
C LEU B 218 -14.05 -18.69 -15.03
N LYS B 219 -13.37 -18.90 -13.91
CA LYS B 219 -12.91 -17.79 -13.06
C LYS B 219 -11.53 -17.33 -13.52
N GLN B 220 -10.51 -18.13 -13.24
CA GLN B 220 -9.14 -17.81 -13.64
C GLN B 220 -8.52 -19.01 -14.33
N PRO B 221 -7.61 -18.78 -15.27
CA PRO B 221 -6.92 -19.90 -15.92
C PRO B 221 -5.95 -20.58 -14.95
N LEU B 222 -5.79 -21.89 -15.15
CA LEU B 222 -4.92 -22.66 -14.26
C LEU B 222 -3.48 -22.20 -14.43
N ASN B 223 -2.85 -21.86 -13.30
CA ASN B 223 -1.48 -21.38 -13.32
C ASN B 223 -0.51 -22.49 -13.71
N THR B 224 0.40 -22.18 -14.64
CA THR B 224 1.42 -23.13 -15.06
C THR B 224 2.81 -22.51 -15.11
N THR B 225 2.97 -21.27 -14.64
CA THR B 225 4.27 -20.60 -14.64
C THR B 225 4.95 -20.59 -13.28
N ARG B 226 4.20 -20.79 -12.20
CA ARG B 226 4.78 -20.83 -10.87
C ARG B 226 5.62 -22.09 -10.71
N ILE B 227 6.90 -21.93 -10.39
CA ILE B 227 7.83 -23.04 -10.25
C ILE B 227 8.49 -22.99 -8.89
N ASN B 228 9.03 -24.12 -8.48
CA ASN B 228 9.90 -24.16 -7.32
C ASN B 228 11.26 -23.63 -7.71
N ALA B 229 11.79 -22.70 -6.91
CA ALA B 229 13.02 -22.01 -7.27
C ALA B 229 14.20 -22.98 -7.42
N ALA B 230 14.17 -24.10 -6.69
CA ALA B 230 15.25 -25.07 -6.83
C ALA B 230 15.27 -25.71 -8.21
N GLU B 231 14.09 -25.87 -8.84
CA GLU B 231 13.97 -26.48 -10.15
C GLU B 231 14.02 -25.45 -11.28
N ILE B 232 14.69 -24.32 -11.09
CA ILE B 232 14.65 -23.26 -12.09
C ILE B 232 15.43 -23.66 -13.34
N GLU B 233 16.53 -24.40 -13.19
CA GLU B 233 17.28 -24.85 -14.36
C GLU B 233 16.49 -25.86 -15.18
N SER B 234 15.59 -26.60 -14.54
CA SER B 234 14.71 -27.51 -15.28
C SER B 234 13.83 -26.74 -16.25
N ARG B 235 13.18 -25.68 -15.77
CA ARG B 235 12.25 -24.94 -16.63
C ARG B 235 12.98 -24.09 -17.66
N VAL B 236 14.18 -23.61 -17.33
CA VAL B 236 14.96 -22.85 -18.32
C VAL B 236 15.28 -23.74 -19.51
N ARG B 237 15.51 -25.03 -19.28
CA ARG B 237 15.77 -25.96 -20.37
C ARG B 237 14.53 -26.12 -21.25
N GLU B 238 13.40 -26.52 -20.65
CA GLU B 238 12.20 -26.77 -21.42
C GLU B 238 11.59 -25.49 -22.00
N LEU B 239 11.98 -24.31 -21.46
CA LEU B 239 11.63 -23.06 -22.11
C LEU B 239 12.52 -22.75 -23.31
N SER B 240 13.59 -23.51 -23.50
CA SER B 240 14.50 -23.31 -24.63
C SER B 240 14.42 -24.49 -25.60
N GLN B 251 8.68 -21.61 -29.39
CA GLN B 251 9.32 -22.16 -28.20
C GLN B 251 8.60 -21.72 -26.93
N GLY B 252 9.07 -22.24 -25.79
CA GLY B 252 8.46 -21.87 -24.52
C GLY B 252 8.75 -20.43 -24.11
N PHE B 253 10.00 -20.00 -24.26
CA PHE B 253 10.38 -18.65 -23.86
C PHE B 253 9.56 -17.60 -24.62
N TRP B 254 9.43 -17.78 -25.94
CA TRP B 254 8.69 -16.82 -26.74
C TRP B 254 7.20 -16.91 -26.50
N GLU B 255 6.68 -18.12 -26.27
CA GLU B 255 5.26 -18.28 -26.03
C GLU B 255 4.87 -17.69 -24.68
N GLU B 256 5.68 -17.92 -23.64
CA GLU B 256 5.36 -17.41 -22.32
C GLU B 256 5.38 -15.89 -22.28
N PHE B 257 6.29 -15.27 -23.02
CA PHE B 257 6.44 -13.82 -22.96
C PHE B 257 5.31 -13.11 -23.70
N GLU B 258 4.99 -13.54 -24.91
CA GLU B 258 3.93 -12.88 -25.65
C GLU B 258 2.56 -13.25 -25.11
N THR B 259 2.43 -14.36 -24.38
CA THR B 259 1.23 -14.58 -23.59
C THR B 259 1.11 -13.52 -22.50
N LEU B 260 2.23 -13.20 -21.86
CA LEU B 260 2.25 -12.09 -20.91
C LEU B 260 1.99 -10.75 -21.60
N GLN B 261 2.47 -10.59 -22.83
CA GLN B 261 2.22 -9.35 -23.56
C GLN B 261 0.73 -9.17 -23.88
N GLN B 262 0.02 -10.26 -24.14
CA GLN B 262 -1.40 -10.14 -24.48
C GLN B 262 -2.25 -9.70 -23.29
N GLN B 263 -1.70 -9.75 -22.07
CA GLN B 263 -2.40 -9.28 -20.89
C GLN B 263 -2.12 -7.82 -20.58
N GLU B 264 -1.36 -7.13 -21.43
CA GLU B 264 -1.09 -5.71 -21.21
C GLU B 264 -2.31 -4.84 -21.47
N CYS B 265 -3.29 -5.33 -22.23
CA CYS B 265 -4.49 -4.56 -22.51
C CYS B 265 -5.36 -4.37 -21.27
N LYS B 266 -5.10 -5.13 -20.21
CA LYS B 266 -5.82 -4.98 -18.96
C LYS B 266 -5.14 -3.99 -18.01
N LEU B 267 -4.08 -3.33 -18.46
CA LEU B 267 -3.32 -2.40 -17.64
C LEU B 267 -3.36 -0.99 -18.22
N LEU B 268 -4.45 -0.64 -18.91
CA LEU B 268 -4.58 0.68 -19.50
C LEU B 268 -5.16 1.67 -18.49
N TYR B 269 -4.57 1.73 -17.30
CA TYR B 269 -5.01 2.67 -16.28
C TYR B 269 -4.78 4.11 -16.75
N SER B 270 -5.51 5.03 -16.14
CA SER B 270 -5.48 6.42 -16.57
C SER B 270 -4.15 7.07 -16.24
N ARG B 271 -3.74 8.01 -17.09
CA ARG B 271 -2.52 8.78 -16.91
C ARG B 271 -2.78 10.24 -17.26
N LYS B 272 -3.83 10.80 -16.65
CA LYS B 272 -4.27 12.15 -16.99
C LYS B 272 -3.34 13.23 -16.45
N GLU B 273 -2.73 12.99 -15.29
CA GLU B 273 -1.84 14.01 -14.72
C GLU B 273 -0.62 14.25 -15.59
N GLY B 274 -0.09 13.19 -16.21
CA GLY B 274 1.03 13.37 -17.12
C GLY B 274 0.62 14.06 -18.41
N GLN B 275 -0.65 13.94 -18.80
CA GLN B 275 -1.15 14.53 -20.04
C GLN B 275 -1.51 15.99 -19.89
N ARG B 276 -1.40 16.55 -18.68
CA ARG B 276 -1.73 17.95 -18.48
C ARG B 276 -0.76 18.86 -19.25
N GLN B 277 -1.28 19.99 -19.72
CA GLN B 277 -0.45 20.92 -20.48
C GLN B 277 0.72 21.43 -19.65
N GLU B 278 0.50 21.68 -18.37
CA GLU B 278 1.55 22.22 -17.50
C GLU B 278 2.60 21.18 -17.16
N ASN B 279 2.31 19.89 -17.34
CA ASN B 279 3.24 18.82 -17.03
C ASN B 279 3.87 18.18 -18.25
N LYS B 280 3.54 18.66 -19.45
CA LYS B 280 4.02 18.00 -20.67
C LYS B 280 5.54 18.03 -20.78
N ASN B 281 6.15 19.19 -20.50
CA ASN B 281 7.59 19.32 -20.63
C ASN B 281 8.37 18.66 -19.51
N LYS B 282 7.70 18.14 -18.49
CA LYS B 282 8.38 17.42 -17.42
C LYS B 282 8.60 15.95 -17.75
N ASN B 283 8.08 15.47 -18.87
CA ASN B 283 8.26 14.10 -19.31
C ASN B 283 9.37 14.03 -20.36
N ARG B 284 10.29 13.08 -20.19
CA ARG B 284 11.31 12.87 -21.21
C ARG B 284 10.69 12.40 -22.52
N TYR B 285 9.68 11.55 -22.45
CA TYR B 285 8.97 11.07 -23.63
C TYR B 285 7.49 11.42 -23.49
N LYS B 286 6.93 11.98 -24.56
CA LYS B 286 5.62 12.61 -24.49
C LYS B 286 4.53 11.65 -24.02
N ASN B 287 4.60 10.39 -24.43
CA ASN B 287 3.50 9.44 -24.21
C ASN B 287 3.85 8.33 -23.22
N ILE B 288 4.98 8.40 -22.55
CA ILE B 288 5.36 7.47 -21.50
C ILE B 288 5.13 8.22 -20.18
N LEU B 289 4.01 7.96 -19.53
CA LEU B 289 3.53 8.73 -18.40
C LEU B 289 3.25 7.84 -17.21
N PRO B 290 3.30 8.39 -16.00
CA PRO B 290 3.01 7.59 -14.81
C PRO B 290 1.53 7.31 -14.64
N PHE B 291 1.22 6.12 -14.13
CA PHE B 291 -0.15 5.83 -13.75
C PHE B 291 -0.60 6.80 -12.66
N ASP B 292 -1.83 7.28 -12.78
CA ASP B 292 -2.32 8.27 -11.82
C ASP B 292 -2.41 7.70 -10.42
N HIS B 293 -2.73 6.42 -10.28
CA HIS B 293 -2.97 5.83 -8.97
C HIS B 293 -1.70 5.37 -8.26
N THR B 294 -0.56 5.38 -8.95
CA THR B 294 0.71 5.04 -8.32
C THR B 294 1.79 6.11 -8.51
N ARG B 295 1.45 7.24 -9.14
CA ARG B 295 2.45 8.28 -9.39
C ARG B 295 2.99 8.84 -8.08
N VAL B 296 4.24 9.29 -8.12
CA VAL B 296 4.84 9.98 -6.98
C VAL B 296 4.30 11.41 -6.95
N VAL B 297 3.65 11.78 -5.85
CA VAL B 297 3.08 13.11 -5.68
C VAL B 297 3.99 13.92 -4.79
N LEU B 298 4.38 15.10 -5.27
CA LEU B 298 5.21 16.02 -4.50
C LEU B 298 4.28 17.00 -3.79
N HIS B 299 4.11 16.80 -2.48
CA HIS B 299 3.20 17.62 -1.70
C HIS B 299 3.90 18.70 -0.88
N ASP B 300 5.21 18.87 -1.07
CA ASP B 300 5.93 19.87 -0.30
C ASP B 300 5.55 21.28 -0.72
N GLY B 301 5.64 22.22 0.21
CA GLY B 301 5.28 23.60 -0.05
C GLY B 301 5.34 24.48 1.19
N SER B 308 4.05 22.79 -7.88
CA SER B 308 3.90 21.62 -8.74
C SER B 308 4.06 20.34 -7.94
N ASP B 309 3.18 19.37 -8.21
CA ASP B 309 3.19 18.08 -7.53
C ASP B 309 3.64 16.95 -8.44
N TYR B 310 4.07 17.25 -9.66
CA TYR B 310 4.22 16.25 -10.70
C TYR B 310 5.69 15.91 -10.91
N ILE B 311 5.98 14.62 -10.97
CA ILE B 311 7.24 14.11 -11.49
C ILE B 311 6.92 12.79 -12.19
N ASN B 312 7.60 12.53 -13.30
CA ASN B 312 7.40 11.28 -14.01
C ASN B 312 8.03 10.13 -13.21
N ALA B 313 7.25 9.55 -12.30
CA ALA B 313 7.75 8.51 -11.42
C ALA B 313 6.57 7.78 -10.80
N ASN B 314 6.77 6.49 -10.49
CA ASN B 314 5.74 5.65 -9.88
C ASN B 314 6.35 4.83 -8.76
N ILE B 315 5.58 4.66 -7.69
CA ILE B 315 5.98 3.84 -6.56
C ILE B 315 5.61 2.38 -6.88
N ILE B 316 6.63 1.52 -6.93
CA ILE B 316 6.42 0.12 -7.25
C ILE B 316 6.50 -0.67 -5.96
N MET B 317 5.43 -1.39 -5.63
CA MET B 317 5.49 -2.20 -4.43
C MET B 317 5.34 -3.67 -4.78
N PRO B 318 6.22 -4.53 -4.28
CA PRO B 318 5.97 -5.98 -4.36
C PRO B 318 4.66 -6.31 -3.68
N GLU B 319 3.91 -7.22 -4.29
CA GLU B 319 2.57 -7.62 -3.85
C GLU B 319 1.53 -6.54 -4.14
N PHE B 320 0.52 -6.89 -4.96
CA PHE B 320 -0.70 -6.13 -5.20
C PHE B 320 -0.54 -4.80 -5.92
N GLU B 321 -1.67 -4.23 -6.35
CA GLU B 321 -1.75 -3.02 -7.19
C GLU B 321 -0.72 -3.03 -8.31
N LYS B 330 8.92 -5.60 3.08
CA LYS B 330 8.72 -4.22 3.51
C LYS B 330 9.68 -3.27 2.80
N LYS B 331 10.09 -3.64 1.59
CA LYS B 331 10.94 -2.81 0.74
C LYS B 331 10.17 -2.41 -0.51
N SER B 332 10.39 -1.18 -0.98
CA SER B 332 9.69 -0.66 -2.15
C SER B 332 10.69 0.01 -3.08
N TYR B 333 10.21 0.37 -4.28
CA TYR B 333 11.04 1.01 -5.30
C TYR B 333 10.31 2.22 -5.85
N ILE B 334 11.08 3.06 -6.55
CA ILE B 334 10.54 4.17 -7.33
C ILE B 334 11.12 4.09 -8.72
N ALA B 335 10.27 3.87 -9.72
CA ALA B 335 10.67 3.80 -11.12
C ALA B 335 10.41 5.16 -11.76
N THR B 336 11.46 5.77 -12.29
CA THR B 336 11.35 7.10 -12.87
C THR B 336 12.22 7.19 -14.12
N GLN B 337 11.96 8.23 -14.90
CA GLN B 337 12.72 8.51 -16.11
C GLN B 337 14.09 9.08 -15.74
N GLY B 338 14.96 9.17 -16.74
CA GLY B 338 16.17 9.95 -16.59
C GLY B 338 15.83 11.43 -16.50
N CYS B 339 16.48 12.12 -15.57
CA CYS B 339 16.14 13.52 -15.30
C CYS B 339 16.32 14.38 -16.54
N LEU B 340 15.44 15.36 -16.68
CA LEU B 340 15.64 16.43 -17.66
C LEU B 340 16.26 17.63 -16.95
N GLN B 341 16.88 18.51 -17.74
CA GLN B 341 17.52 19.70 -17.17
C GLN B 341 16.51 20.54 -16.40
N ASN B 342 15.23 20.47 -16.74
CA ASN B 342 14.18 21.20 -16.05
C ASN B 342 13.47 20.36 -14.99
N THR B 343 13.90 19.11 -14.77
CA THR B 343 13.28 18.24 -13.79
C THR B 343 14.26 17.75 -12.73
N VAL B 344 15.49 18.27 -12.71
CA VAL B 344 16.47 17.83 -11.73
C VAL B 344 16.05 18.26 -10.33
N ASN B 345 15.57 19.50 -10.17
CA ASN B 345 15.11 19.95 -8.87
C ASN B 345 13.95 19.09 -8.36
N ASP B 346 13.01 18.77 -9.26
CA ASP B 346 11.90 17.90 -8.87
C ASP B 346 12.39 16.50 -8.49
N PHE B 347 13.44 16.01 -9.15
CA PHE B 347 14.01 14.72 -8.79
C PHE B 347 14.51 14.72 -7.35
N TRP B 348 15.28 15.75 -6.97
CA TRP B 348 15.84 15.80 -5.61
C TRP B 348 14.77 16.15 -4.58
N ARG B 349 13.70 16.84 -5.00
CA ARG B 349 12.55 17.00 -4.11
C ARG B 349 11.93 15.66 -3.79
N MET B 350 11.86 14.76 -4.78
CA MET B 350 11.27 13.45 -4.57
C MET B 350 12.17 12.57 -3.70
N VAL B 351 13.47 12.51 -3.99
CA VAL B 351 14.39 11.73 -3.18
C VAL B 351 14.30 12.15 -1.72
N PHE B 352 14.13 13.45 -1.48
CA PHE B 352 14.03 13.94 -0.10
C PHE B 352 12.68 13.58 0.51
N GLN B 353 11.58 13.86 -0.20
CA GLN B 353 10.26 13.64 0.34
C GLN B 353 10.02 12.17 0.67
N GLU B 354 10.50 11.28 -0.20
CA GLU B 354 10.32 9.84 -0.01
C GLU B 354 11.37 9.22 0.90
N ASN B 355 12.29 10.02 1.44
CA ASN B 355 13.34 9.54 2.34
C ASN B 355 14.21 8.47 1.69
N SER B 356 14.35 8.51 0.38
CA SER B 356 15.18 7.54 -0.33
C SER B 356 16.64 7.72 0.03
N ARG B 357 17.36 6.60 0.16
CA ARG B 357 18.78 6.61 0.47
C ARG B 357 19.63 5.89 -0.57
N VAL B 358 19.02 5.10 -1.46
CA VAL B 358 19.74 4.34 -2.47
C VAL B 358 19.18 4.72 -3.83
N ILE B 359 20.07 5.09 -4.76
CA ILE B 359 19.71 5.44 -6.13
C ILE B 359 20.41 4.46 -7.05
N VAL B 360 19.65 3.86 -7.97
CA VAL B 360 20.17 2.89 -8.92
C VAL B 360 20.04 3.50 -10.30
N MET B 361 21.17 3.84 -10.90
CA MET B 361 21.21 4.36 -12.26
C MET B 361 21.70 3.27 -13.19
N THR B 362 20.87 2.90 -14.16
CA THR B 362 21.16 1.78 -15.05
C THR B 362 21.50 2.24 -16.47
N THR B 363 21.79 3.52 -16.66
CA THR B 363 22.05 4.05 -18.00
C THR B 363 23.18 5.06 -17.92
N LYS B 364 23.78 5.32 -19.08
CA LYS B 364 24.71 6.43 -19.20
C LYS B 364 23.95 7.71 -19.55
N GLU B 365 24.59 8.85 -19.30
CA GLU B 365 23.94 10.13 -19.56
C GLU B 365 23.67 10.34 -21.04
N VAL B 366 24.53 9.77 -21.87
CA VAL B 366 24.37 9.85 -23.35
C VAL B 366 24.72 8.49 -23.97
N GLU B 367 23.74 7.88 -24.62
CA GLU B 367 23.97 6.61 -25.37
C GLU B 367 23.64 6.90 -26.83
N ARG B 368 24.57 6.61 -27.75
CA ARG B 368 24.35 6.85 -29.20
C ARG B 368 23.95 8.30 -29.51
N GLY B 369 24.63 9.27 -28.91
CA GLY B 369 24.39 10.71 -29.20
C GLY B 369 23.07 11.29 -28.72
N LYS B 370 22.24 10.54 -28.02
CA LYS B 370 21.01 11.15 -27.53
C LYS B 370 21.04 11.26 -26.02
N SER B 371 20.34 12.28 -25.51
CA SER B 371 20.22 12.48 -24.08
C SER B 371 19.39 11.35 -23.48
N LYS B 372 20.00 10.57 -22.58
CA LYS B 372 19.28 9.53 -21.85
C LYS B 372 19.05 9.86 -20.39
N CYS B 373 19.84 10.77 -19.81
CA CYS B 373 19.68 11.27 -18.46
C CYS B 373 20.68 12.40 -18.26
N VAL B 374 20.24 13.46 -17.59
CA VAL B 374 21.10 14.60 -17.29
C VAL B 374 21.85 14.33 -16.00
N LYS B 375 23.13 14.70 -15.96
CA LYS B 375 23.93 14.60 -14.75
C LYS B 375 23.29 15.40 -13.62
N TYR B 376 22.78 14.71 -12.60
CA TYR B 376 22.08 15.36 -11.51
C TYR B 376 22.87 15.32 -10.20
N TRP B 377 24.14 14.91 -10.25
CA TRP B 377 24.99 14.86 -9.09
C TRP B 377 26.24 15.69 -9.30
N PRO B 378 26.83 16.24 -8.24
CA PRO B 378 28.06 17.01 -8.39
C PRO B 378 29.27 16.13 -8.62
N ASP B 379 30.34 16.75 -9.10
CA ASP B 379 31.60 16.05 -9.26
C ASP B 379 32.13 15.60 -7.90
N GLU B 380 33.07 14.64 -7.94
CA GLU B 380 33.68 14.14 -6.72
C GLU B 380 34.33 15.29 -5.95
N TYR B 381 34.09 15.34 -4.64
CA TYR B 381 34.55 16.36 -3.71
C TYR B 381 33.89 17.72 -3.96
N ALA B 382 32.87 17.78 -4.81
CA ALA B 382 32.18 19.03 -5.11
C ALA B 382 30.82 19.07 -4.44
N LEU B 383 30.27 20.28 -4.35
CA LEU B 383 28.95 20.51 -3.75
C LEU B 383 28.14 21.38 -4.70
N LYS B 384 26.90 20.99 -4.94
CA LYS B 384 26.02 21.72 -5.85
C LYS B 384 24.65 21.92 -5.21
N GLU B 385 23.91 22.90 -5.73
CA GLU B 385 22.59 23.26 -5.23
C GLU B 385 21.57 23.08 -6.34
N TYR B 386 20.53 22.29 -6.07
CA TYR B 386 19.43 22.05 -7.00
C TYR B 386 18.16 22.56 -6.35
N GLY B 387 17.86 23.84 -6.57
CA GLY B 387 16.69 24.43 -5.93
C GLY B 387 16.93 24.60 -4.45
N VAL B 388 16.00 24.07 -3.65
CA VAL B 388 16.12 24.12 -2.19
C VAL B 388 16.95 22.98 -1.64
N MET B 389 17.35 22.03 -2.47
CA MET B 389 18.16 20.90 -2.03
C MET B 389 19.64 21.18 -2.27
N ARG B 390 20.47 20.50 -1.50
CA ARG B 390 21.92 20.64 -1.57
C ARG B 390 22.55 19.26 -1.47
N VAL B 391 23.43 18.94 -2.42
CA VAL B 391 24.04 17.62 -2.50
C VAL B 391 25.55 17.79 -2.61
N ARG B 392 26.28 17.08 -1.76
CA ARG B 392 27.73 17.03 -1.81
C ARG B 392 28.16 15.62 -2.17
N ASN B 393 29.04 15.50 -3.15
CA ASN B 393 29.62 14.21 -3.53
C ASN B 393 30.82 13.96 -2.62
N VAL B 394 30.65 13.07 -1.63
CA VAL B 394 31.68 12.82 -0.64
C VAL B 394 32.86 12.08 -1.28
N LYS B 395 32.60 10.96 -1.94
CA LYS B 395 33.67 10.16 -2.50
C LYS B 395 33.09 9.15 -3.49
N GLU B 396 33.77 8.98 -4.62
CA GLU B 396 33.37 8.03 -5.65
C GLU B 396 34.27 6.80 -5.56
N SER B 397 33.67 5.63 -5.38
CA SER B 397 34.38 4.36 -5.40
C SER B 397 33.97 3.60 -6.64
N ALA B 398 34.95 3.19 -7.44
CA ALA B 398 34.71 2.60 -8.75
C ALA B 398 35.00 1.09 -8.70
N ALA B 399 34.01 0.29 -9.07
CA ALA B 399 34.21 -1.09 -9.46
C ALA B 399 34.18 -1.15 -10.99
N HIS B 400 34.39 -2.35 -11.53
CA HIS B 400 34.36 -2.44 -12.99
C HIS B 400 32.93 -2.44 -13.52
N ASP B 401 32.00 -3.02 -12.78
CA ASP B 401 30.61 -3.06 -13.23
C ASP B 401 29.88 -1.75 -12.98
N TYR B 402 30.23 -1.02 -11.92
CA TYR B 402 29.48 0.16 -11.53
C TYR B 402 30.41 1.14 -10.83
N THR B 403 29.85 2.29 -10.46
CA THR B 403 30.55 3.30 -9.65
C THR B 403 29.62 3.74 -8.55
N LEU B 404 30.06 3.58 -7.29
CA LEU B 404 29.26 3.97 -6.14
C LEU B 404 29.65 5.40 -5.72
N ARG B 405 28.67 6.29 -5.66
CA ARG B 405 28.88 7.67 -5.28
C ARG B 405 28.17 7.94 -3.96
N GLU B 406 28.93 8.33 -2.95
CA GLU B 406 28.37 8.68 -1.65
C GLU B 406 27.99 10.16 -1.68
N LEU B 407 26.70 10.44 -1.75
CA LEU B 407 26.20 11.80 -1.80
C LEU B 407 25.51 12.15 -0.48
N LYS B 408 25.74 13.37 -0.01
CA LYS B 408 25.11 13.87 1.20
C LYS B 408 24.04 14.88 0.78
N LEU B 409 22.79 14.55 1.03
CA LEU B 409 21.66 15.36 0.61
C LEU B 409 21.09 16.11 1.80
N SER B 410 20.81 17.40 1.60
CA SER B 410 20.23 18.22 2.64
C SER B 410 19.46 19.36 2.01
N LYS B 411 18.53 19.92 2.77
CA LYS B 411 17.76 21.09 2.34
C LYS B 411 18.44 22.34 2.88
N VAL B 412 18.59 23.35 2.02
CA VAL B 412 19.28 24.57 2.41
C VAL B 412 18.39 25.36 3.36
N GLY B 413 18.97 26.34 4.03
CA GLY B 413 18.34 26.94 5.20
C GLY B 413 18.54 26.14 6.46
N GLN B 414 19.28 25.03 6.38
CA GLN B 414 19.52 24.15 7.51
C GLN B 414 20.75 23.31 7.17
N GLY B 415 21.67 23.20 8.11
CA GLY B 415 22.90 22.47 7.85
C GLY B 415 22.84 21.01 8.26
N ASN B 416 21.88 20.67 9.13
CA ASN B 416 21.81 19.34 9.73
C ASN B 416 20.63 18.53 9.19
N THR B 417 20.21 18.81 7.96
CA THR B 417 19.30 17.94 7.24
C THR B 417 20.04 16.79 6.57
N GLU B 418 21.37 16.88 6.50
CA GLU B 418 22.21 15.95 5.75
C GLU B 418 21.88 14.48 6.02
N ARG B 419 21.36 13.81 5.00
CA ARG B 419 21.19 12.36 4.99
C ARG B 419 22.01 11.79 3.84
N THR B 420 22.69 10.69 4.10
CA THR B 420 23.55 10.09 3.09
C THR B 420 22.70 9.33 2.06
N VAL B 421 22.90 9.67 0.79
CA VAL B 421 22.21 9.04 -0.33
C VAL B 421 23.26 8.38 -1.20
N TRP B 422 23.20 7.05 -1.27
CA TRP B 422 24.16 6.28 -2.07
C TRP B 422 23.61 6.10 -3.48
N GLN B 423 24.34 6.58 -4.47
CA GLN B 423 23.98 6.41 -5.88
C GLN B 423 24.84 5.31 -6.48
N TYR B 424 24.22 4.20 -6.85
CA TYR B 424 24.90 3.11 -7.54
C TYR B 424 24.70 3.30 -9.04
N HIS B 425 25.75 3.73 -9.74
CA HIS B 425 25.68 4.00 -11.18
C HIS B 425 26.20 2.77 -11.93
N PHE B 426 25.28 1.99 -12.49
CA PHE B 426 25.63 0.82 -13.27
C PHE B 426 25.95 1.20 -14.71
N ARG B 427 27.08 0.72 -15.22
CA ARG B 427 27.48 1.04 -16.59
C ARG B 427 27.99 -0.17 -17.37
N THR B 428 27.93 -1.37 -16.80
CA THR B 428 28.23 -2.58 -17.56
C THR B 428 27.25 -2.78 -18.72
N TRP B 429 26.00 -2.36 -18.53
CA TRP B 429 24.93 -2.68 -19.48
C TRP B 429 25.29 -2.18 -20.89
N PRO B 430 25.06 -2.99 -21.92
CA PRO B 430 25.37 -2.57 -23.29
C PRO B 430 24.26 -1.71 -23.89
N ASP B 431 24.59 -1.08 -25.02
CA ASP B 431 23.65 -0.16 -25.66
C ASP B 431 22.40 -0.90 -26.12
N HIS B 432 22.57 -2.02 -26.80
CA HIS B 432 21.45 -2.82 -27.30
C HIS B 432 21.45 -4.17 -26.61
N GLY B 433 20.25 -4.69 -26.36
CA GLY B 433 20.12 -6.00 -25.77
C GLY B 433 20.42 -6.02 -24.29
N VAL B 434 20.79 -7.19 -23.80
CA VAL B 434 21.07 -7.40 -22.39
C VAL B 434 22.49 -7.96 -22.28
N PRO B 435 23.11 -7.86 -21.11
CA PRO B 435 24.39 -8.55 -20.90
C PRO B 435 24.20 -10.05 -21.00
N SER B 436 25.23 -10.73 -21.54
CA SER B 436 25.14 -12.17 -21.71
C SER B 436 25.37 -12.93 -20.41
N ASP B 437 26.04 -12.32 -19.44
CA ASP B 437 26.23 -12.94 -18.13
C ASP B 437 25.62 -12.03 -17.07
N PRO B 438 24.72 -12.54 -16.23
CA PRO B 438 24.10 -11.71 -15.20
C PRO B 438 24.91 -11.56 -13.92
N GLY B 439 26.20 -11.96 -13.93
CA GLY B 439 27.00 -11.86 -12.73
C GLY B 439 27.24 -10.42 -12.29
N GLY B 440 27.49 -9.53 -13.26
CA GLY B 440 27.70 -8.14 -12.91
C GLY B 440 26.45 -7.47 -12.38
N VAL B 441 25.30 -7.75 -12.99
CA VAL B 441 24.05 -7.19 -12.51
C VAL B 441 23.71 -7.71 -11.12
N LEU B 442 23.90 -9.01 -10.90
CA LEU B 442 23.37 -9.61 -9.69
C LEU B 442 24.18 -9.29 -8.45
N ASP B 443 25.50 -9.12 -8.59
CA ASP B 443 26.27 -8.66 -7.45
C ASP B 443 26.19 -7.15 -7.29
N PHE B 444 25.92 -6.41 -8.37
CA PHE B 444 25.52 -5.02 -8.24
C PHE B 444 24.20 -4.91 -7.47
N LEU B 445 23.32 -5.89 -7.60
CA LEU B 445 22.06 -5.87 -6.85
C LEU B 445 22.27 -6.26 -5.39
N GLU B 446 23.20 -7.19 -5.14
CA GLU B 446 23.45 -7.62 -3.77
C GLU B 446 24.05 -6.48 -2.95
N GLU B 447 24.93 -5.68 -3.57
CA GLU B 447 25.49 -4.53 -2.86
C GLU B 447 24.42 -3.48 -2.59
N VAL B 448 23.50 -3.29 -3.53
CA VAL B 448 22.41 -2.35 -3.33
C VAL B 448 21.49 -2.82 -2.20
N HIS B 449 21.23 -4.13 -2.15
CA HIS B 449 20.33 -4.66 -1.13
C HIS B 449 20.91 -4.50 0.27
N HIS B 450 22.21 -4.76 0.42
CA HIS B 450 22.84 -4.60 1.73
C HIS B 450 22.88 -3.14 2.15
N LYS B 451 23.16 -2.23 1.21
CA LYS B 451 23.15 -0.80 1.54
C LYS B 451 21.77 -0.32 1.93
N GLN B 452 20.72 -0.87 1.31
CA GLN B 452 19.37 -0.49 1.71
C GLN B 452 19.02 -1.02 3.11
N GLU B 453 19.41 -2.27 3.39
CA GLU B 453 19.24 -2.80 4.74
C GLU B 453 20.16 -2.14 5.74
N SER B 454 21.21 -1.44 5.29
CA SER B 454 22.09 -0.74 6.21
C SER B 454 21.35 0.36 6.95
N ILE B 455 20.44 1.05 6.27
CA ILE B 455 19.79 2.24 6.79
C ILE B 455 18.39 1.84 7.23
N MET B 456 18.20 1.70 8.54
CA MET B 456 16.88 1.41 9.06
C MET B 456 15.92 2.56 8.77
N ASP B 457 14.72 2.22 8.32
CA ASP B 457 13.71 3.20 7.95
C ASP B 457 14.20 4.09 6.81
N ALA B 458 14.91 3.49 5.85
CA ALA B 458 15.21 4.16 4.60
C ALA B 458 14.01 4.03 3.66
N GLY B 459 13.82 5.05 2.82
CA GLY B 459 12.72 5.07 1.90
C GLY B 459 12.87 4.07 0.77
N PRO B 460 12.04 4.20 -0.27
CA PRO B 460 12.13 3.29 -1.41
C PRO B 460 13.42 3.49 -2.18
N VAL B 461 13.83 2.43 -2.88
CA VAL B 461 15.01 2.47 -3.72
C VAL B 461 14.63 3.09 -5.06
N VAL B 462 15.29 4.20 -5.40
CA VAL B 462 15.03 4.89 -6.65
C VAL B 462 15.81 4.20 -7.77
N VAL B 463 15.09 3.68 -8.77
CA VAL B 463 15.68 3.03 -9.93
C VAL B 463 15.22 3.77 -11.17
N HIS B 464 16.17 4.12 -12.03
CA HIS B 464 15.84 4.91 -13.22
C HIS B 464 16.74 4.51 -14.37
N CYS B 465 16.22 4.67 -15.59
CA CYS B 465 16.98 4.41 -16.80
C CYS B 465 16.85 5.62 -17.72
N SER B 466 16.36 5.41 -18.94
CA SER B 466 16.05 6.51 -19.85
C SER B 466 14.56 6.86 -19.79
N ALA B 467 13.70 5.88 -20.05
CA ALA B 467 12.25 6.07 -20.00
C ALA B 467 11.66 5.67 -18.65
N GLY B 468 12.34 4.81 -17.90
CA GLY B 468 11.85 4.36 -16.62
C GLY B 468 11.15 3.02 -16.62
N ILE B 469 11.18 2.28 -17.72
CA ILE B 469 10.35 1.09 -17.86
C ILE B 469 11.17 -0.09 -18.34
N GLY B 470 12.20 0.16 -19.16
CA GLY B 470 12.95 -0.92 -19.77
C GLY B 470 13.96 -1.57 -18.85
N ARG B 471 15.17 -1.02 -18.79
CA ARG B 471 16.15 -1.52 -17.84
C ARG B 471 15.66 -1.37 -16.41
N THR B 472 14.94 -0.29 -16.12
CA THR B 472 14.40 -0.08 -14.77
C THR B 472 13.48 -1.23 -14.37
N GLY B 473 12.60 -1.67 -15.28
CA GLY B 473 11.72 -2.78 -14.95
C GLY B 473 12.48 -4.10 -14.81
N THR B 474 13.47 -4.33 -15.66
CA THR B 474 14.25 -5.55 -15.56
C THR B 474 15.01 -5.62 -14.24
N PHE B 475 15.60 -4.50 -13.82
CA PHE B 475 16.36 -4.50 -12.57
C PHE B 475 15.47 -4.69 -11.36
N ILE B 476 14.28 -4.08 -11.37
CA ILE B 476 13.40 -4.15 -10.21
C ILE B 476 12.83 -5.55 -10.05
N VAL B 477 12.41 -6.18 -11.17
CA VAL B 477 11.79 -7.50 -11.08
C VAL B 477 12.80 -8.53 -10.60
N ILE B 478 14.03 -8.46 -11.10
CA ILE B 478 15.08 -9.35 -10.63
C ILE B 478 15.30 -9.16 -9.12
N ASP B 479 15.30 -7.91 -8.66
CA ASP B 479 15.51 -7.66 -7.25
C ASP B 479 14.33 -8.16 -6.42
N ILE B 480 13.12 -8.02 -6.95
CA ILE B 480 11.93 -8.48 -6.23
C ILE B 480 11.96 -9.99 -6.06
N LEU B 481 12.29 -10.72 -7.12
CA LEU B 481 12.27 -12.18 -7.05
C LEU B 481 13.34 -12.70 -6.10
N ILE B 482 14.52 -12.08 -6.10
CA ILE B 482 15.60 -12.55 -5.25
C ILE B 482 15.35 -12.23 -3.79
N ASP B 483 14.69 -11.10 -3.51
CA ASP B 483 14.30 -10.82 -2.13
C ASP B 483 13.35 -11.88 -1.59
N ILE B 484 12.57 -12.52 -2.46
CA ILE B 484 11.74 -13.63 -2.03
C ILE B 484 12.60 -14.85 -1.73
N ILE B 485 13.52 -15.17 -2.64
CA ILE B 485 14.39 -16.33 -2.45
C ILE B 485 15.28 -16.14 -1.23
N ARG B 486 15.83 -14.94 -1.04
CA ARG B 486 16.84 -14.71 -0.02
C ARG B 486 16.30 -14.95 1.39
N GLU B 487 14.99 -14.83 1.60
CA GLU B 487 14.39 -15.04 2.91
C GLU B 487 13.53 -16.29 2.97
N LYS B 488 12.74 -16.57 1.93
CA LYS B 488 11.95 -17.80 1.91
C LYS B 488 12.80 -19.04 1.65
N GLY B 489 14.06 -18.87 1.25
CA GLY B 489 14.94 -19.98 1.00
C GLY B 489 14.93 -20.42 -0.46
N VAL B 490 15.89 -21.30 -0.78
CA VAL B 490 16.00 -21.83 -2.14
C VAL B 490 14.77 -22.68 -2.49
N ASP B 491 14.13 -23.28 -1.49
CA ASP B 491 12.93 -24.09 -1.70
C ASP B 491 11.66 -23.25 -1.72
N CYS B 492 11.65 -22.09 -2.36
CA CYS B 492 10.52 -21.19 -2.33
C CYS B 492 9.69 -21.31 -3.60
N ASP B 493 8.64 -20.48 -3.68
CA ASP B 493 7.78 -20.39 -4.84
C ASP B 493 8.01 -19.06 -5.54
N ILE B 494 8.21 -19.10 -6.85
CA ILE B 494 8.37 -17.88 -7.64
C ILE B 494 7.51 -17.99 -8.90
N ASP B 495 7.03 -16.84 -9.36
CA ASP B 495 6.24 -16.75 -10.59
C ASP B 495 6.74 -15.51 -11.34
N VAL B 496 7.63 -15.74 -12.31
CA VAL B 496 8.23 -14.63 -13.04
C VAL B 496 7.18 -13.81 -13.80
N PRO B 497 6.31 -14.41 -14.62
CA PRO B 497 5.34 -13.56 -15.34
C PRO B 497 4.35 -12.88 -14.41
N LYS B 498 3.89 -13.58 -13.37
CA LYS B 498 2.95 -12.98 -12.43
C LYS B 498 3.56 -11.79 -11.72
N THR B 499 4.87 -11.84 -11.44
CA THR B 499 5.55 -10.72 -10.80
C THR B 499 5.65 -9.53 -11.76
N ILE B 500 5.96 -9.79 -13.03
CA ILE B 500 6.06 -8.72 -14.02
C ILE B 500 4.70 -8.06 -14.24
N GLN B 501 3.63 -8.84 -14.28
CA GLN B 501 2.30 -8.24 -14.43
C GLN B 501 1.93 -7.43 -13.20
N MET B 502 2.28 -7.93 -12.01
CA MET B 502 2.07 -7.16 -10.79
C MET B 502 2.86 -5.85 -10.81
N VAL B 503 4.01 -5.82 -11.48
CA VAL B 503 4.82 -4.60 -11.55
C VAL B 503 4.31 -3.69 -12.66
N ARG B 504 3.87 -4.26 -13.78
CA ARG B 504 3.32 -3.49 -14.89
C ARG B 504 2.01 -2.80 -14.52
N SER B 505 1.32 -3.26 -13.48
CA SER B 505 0.13 -2.58 -13.00
C SER B 505 0.46 -1.26 -12.30
N GLN B 506 1.72 -1.02 -11.95
CA GLN B 506 2.12 0.19 -11.25
C GLN B 506 2.93 1.16 -12.10
N ARG B 507 3.47 0.72 -13.23
CA ARG B 507 4.06 1.63 -14.21
C ARG B 507 3.97 0.98 -15.59
N SER B 508 3.67 1.80 -16.59
CA SER B 508 3.40 1.31 -17.94
C SER B 508 4.59 0.56 -18.51
N GLY B 509 4.37 -0.70 -18.88
CA GLY B 509 5.34 -1.41 -19.70
C GLY B 509 6.67 -1.70 -19.04
N MET B 510 6.66 -2.07 -17.77
CA MET B 510 7.88 -2.53 -17.13
C MET B 510 8.34 -3.84 -17.78
N VAL B 511 9.64 -3.94 -18.04
CA VAL B 511 10.25 -5.01 -18.83
C VAL B 511 9.74 -4.90 -20.26
N GLN B 512 10.62 -4.54 -21.18
CA GLN B 512 10.23 -4.14 -22.52
C GLN B 512 10.33 -5.25 -23.57
N THR B 513 11.34 -6.11 -23.47
CA THR B 513 11.61 -7.07 -24.53
C THR B 513 11.70 -8.48 -23.95
N GLU B 514 11.61 -9.46 -24.85
CA GLU B 514 11.80 -10.84 -24.46
C GLU B 514 13.24 -11.10 -24.03
N ALA B 515 14.20 -10.35 -24.60
CA ALA B 515 15.59 -10.50 -24.19
C ALA B 515 15.75 -10.15 -22.71
N GLN B 516 15.11 -9.07 -22.26
CA GLN B 516 15.08 -8.76 -20.83
C GLN B 516 14.32 -9.83 -20.06
N TYR B 517 13.23 -10.35 -20.64
CA TYR B 517 12.48 -11.42 -19.98
C TYR B 517 13.35 -12.67 -19.81
N ARG B 518 14.07 -13.06 -20.87
CA ARG B 518 14.97 -14.19 -20.74
C ARG B 518 16.10 -13.89 -19.76
N PHE B 519 16.57 -12.63 -19.74
CA PHE B 519 17.62 -12.25 -18.80
C PHE B 519 17.16 -12.37 -17.35
N ILE B 520 15.88 -12.08 -17.08
CA ILE B 520 15.36 -12.24 -15.72
C ILE B 520 15.43 -13.70 -15.30
N TYR B 521 15.10 -14.61 -16.21
CA TYR B 521 15.22 -16.03 -15.91
C TYR B 521 16.68 -16.42 -15.69
N MET B 522 17.56 -15.99 -16.59
CA MET B 522 18.97 -16.35 -16.47
C MET B 522 19.59 -15.82 -15.19
N ALA B 523 19.18 -14.62 -14.78
CA ALA B 523 19.75 -14.01 -13.57
C ALA B 523 19.32 -14.78 -12.32
N VAL B 524 18.03 -15.04 -12.18
CA VAL B 524 17.54 -15.80 -11.02
C VAL B 524 18.14 -17.21 -11.02
N GLN B 525 18.39 -17.78 -12.20
CA GLN B 525 19.05 -19.08 -12.28
C GLN B 525 20.50 -18.98 -11.82
N HIS B 526 21.22 -17.95 -12.27
CA HIS B 526 22.59 -17.74 -11.84
C HIS B 526 22.67 -17.52 -10.34
N TYR B 527 21.68 -16.84 -9.76
CA TYR B 527 21.65 -16.62 -8.32
C TYR B 527 21.51 -17.95 -7.57
N ILE B 528 20.45 -18.71 -7.88
CA ILE B 528 20.11 -19.89 -7.09
C ILE B 528 21.27 -20.87 -7.06
N GLU B 529 21.96 -21.05 -8.18
CA GLU B 529 23.12 -21.95 -8.20
C GLU B 529 24.23 -21.47 -7.29
N THR B 530 24.36 -20.15 -7.12
CA THR B 530 25.44 -19.61 -6.30
C THR B 530 25.25 -19.93 -4.83
N LEU B 531 24.02 -20.02 -4.35
CA LEU B 531 23.77 -20.25 -2.92
C LEU B 531 23.97 -21.72 -2.55
N GLN B 532 23.48 -22.64 -3.38
CA GLN B 532 23.76 -24.05 -3.15
C GLN B 532 25.15 -24.46 -3.63
N ARG B 533 25.93 -23.51 -4.16
CA ARG B 533 27.34 -23.74 -4.45
C ARG B 533 28.23 -23.49 -3.25
N ARG B 534 27.81 -22.60 -2.35
CA ARG B 534 28.59 -22.24 -1.18
C ARG B 534 28.26 -23.15 0.01
C12 U9Y C . -9.88 -5.85 17.92
C13 U9Y C . -10.67 -5.69 19.15
C01 U9Y C . -11.03 -4.03 22.25
C02 U9Y C . -11.59 -3.36 23.36
C03 U9Y C . -12.26 -2.14 23.23
C04 U9Y C . -12.35 -1.66 21.92
C05 U9Y C . -11.78 -2.35 20.83
C06 U9Y C . -11.09 -3.56 20.91
C09 U9Y C . -10.50 -4.29 19.65
C15 U9Y C . -10.46 -8.10 17.58
C16 U9Y C . -11.24 -7.94 18.81
C19 U9Y C . -9.55 -9.53 15.67
C20 U9Y C . -10.23 -9.14 14.33
C21 U9Y C . -11.55 -9.90 14.16
C22 U9Y C . -12.44 -9.76 15.38
C23 U9Y C . -11.67 -10.20 16.65
C24 U9Y C . -11.34 -11.36 13.85
N10 U9Y C . -9.68 -3.69 18.75
N11 U9Y C . -9.36 -4.60 17.79
N14 U9Y C . -9.79 -7.01 17.17
N17 U9Y C . -11.33 -6.82 19.54
N18 U9Y C . -10.44 -9.40 16.88
N25 U9Y C . -12.32 -9.26 12.93
CL7 U9Y C . -11.97 -1.62 19.30
CL8 U9Y C . -13.18 -0.16 21.73
C12 U9Y D . 2.24 -17.34 -19.51
C13 U9Y D . 1.38 -17.20 -18.32
C01 U9Y D . 0.93 -15.56 -15.19
C02 U9Y D . 0.32 -14.92 -14.09
C03 U9Y D . -0.40 -13.74 -14.24
C04 U9Y D . -0.46 -13.27 -15.55
C05 U9Y D . 0.14 -13.93 -16.62
C06 U9Y D . 0.89 -15.11 -16.53
C09 U9Y D . 1.55 -15.82 -17.78
C15 U9Y D . 1.61 -19.57 -19.92
C16 U9Y D . 0.77 -19.40 -18.75
C19 U9Y D . 2.55 -21.02 -21.81
C20 U9Y D . 1.93 -20.61 -23.17
C21 U9Y D . 0.65 -21.39 -23.42
C22 U9Y D . -0.32 -21.23 -22.25
C23 U9Y D . 0.37 -21.63 -20.92
C24 U9Y D . 0.90 -22.88 -23.66
N10 U9Y D . 2.43 -15.21 -18.61
N11 U9Y D . 2.80 -16.11 -19.56
N14 U9Y D . 2.35 -18.49 -20.28
N17 U9Y D . 0.67 -18.30 -18.01
N18 U9Y D . 1.63 -20.87 -20.64
N25 U9Y D . -0.06 -20.80 -24.70
CL7 U9Y D . -0.04 -13.21 -18.15
CL8 U9Y D . -1.37 -11.81 -15.79
#